data_7Q1C
#
_entry.id   7Q1C
#
_cell.length_a   66.071
_cell.length_b   95.353
_cell.length_c   96.920
_cell.angle_alpha   90.000
_cell.angle_beta   103.501
_cell.angle_gamma   90.000
#
_symmetry.space_group_name_H-M   'P 1 21 1'
#
loop_
_entity.id
_entity.type
_entity.pdbx_description
1 polymer 'Histone deacetylase DAC2'
2 non-polymer 'ZINC ION'
3 non-polymer 'POTASSIUM ION'
4 non-polymer (E)-3-dibenzofuran-4-yl-N-oxidanyl-prop-2-enamide
5 water water
#
_entity_poly.entity_id   1
_entity_poly.type   'polypeptide(L)'
_entity_poly.pdbx_seq_one_letter_code
;MTDAVAGKTSLPPPVAIIVGHNIDASAMPLTYERNRFVIDMLQHYACPVFSHKKSGDAMNTVSSDVFEWVLEPFPVVGVE
DMTAFHDRAYLNYLSIREALSEVDERASTVKPPLRVLPDLVPIPADEEYGLVNENMPFVGMWRTIQATVSGTLLAARLLA
QPGRFAAIHWFGGRHHAKKSTAGGFCFANDVVLGVLELKKLLSSDKNGILVVDVDAHHGDGTQSAFLHDNSVLTLSMHAH
GVGIFPGTGGIEEIGAGLGRGFTMNVPLPEGATDILAVTLMYRSIHFAFKKLGEGLAAIVIVCGSDALSGDPLGALNLTV
GGMQSIIRLLLKEAARRSLKVLLLGAGGYVDTSCARLAGVVTKDVLSCAAAMRLGKTEYFGDSANLGDNLGVAVPEGCEY
FTRYGPSFLMHGLPPARVSKLYRLPYGSPLFMRMQRAATKEALRRRLNQEQDEEEDAEDSGLEVLFQ
;
_entity_poly.pdbx_strand_id   A,B
#
loop_
_chem_comp.id
_chem_comp.type
_chem_comp.name
_chem_comp.formula
K non-polymer 'POTASSIUM ION' 'K 1'
T56 non-polymer (E)-3-dibenzofuran-4-yl-N-oxidanyl-prop-2-enamide 'C15 H11 N O3'
ZN non-polymer 'ZINC ION' 'Zn 2'
#
# COMPACT_ATOMS: atom_id res chain seq x y z
N LEU A 11 10.87 -6.81 11.08
CA LEU A 11 11.31 -6.48 9.72
C LEU A 11 11.79 -5.04 9.62
N PRO A 12 12.86 -4.81 8.85
CA PRO A 12 13.40 -3.45 8.72
C PRO A 12 12.55 -2.61 7.78
N PRO A 13 12.79 -1.30 7.71
CA PRO A 13 12.15 -0.48 6.68
C PRO A 13 12.47 -1.03 5.29
N PRO A 14 11.50 -1.03 4.38
CA PRO A 14 11.71 -1.70 3.09
C PRO A 14 12.70 -0.99 2.16
N VAL A 15 13.09 0.25 2.43
CA VAL A 15 14.05 0.96 1.60
C VAL A 15 15.24 1.38 2.46
N ALA A 16 16.45 1.06 2.00
CA ALA A 16 17.69 1.54 2.61
C ALA A 16 18.31 2.58 1.69
N ILE A 17 18.56 3.77 2.23
CA ILE A 17 19.23 4.83 1.46
C ILE A 17 20.65 4.95 2.00
N ILE A 18 21.61 4.50 1.20
CA ILE A 18 23.00 4.40 1.63
C ILE A 18 23.68 5.74 1.37
N VAL A 19 24.04 6.44 2.45
CA VAL A 19 24.64 7.77 2.39
C VAL A 19 26.07 7.75 2.93
N GLY A 20 26.26 7.22 4.14
CA GLY A 20 27.53 7.29 4.81
C GLY A 20 27.74 8.62 5.54
N HIS A 21 28.81 8.68 6.32
CA HIS A 21 29.03 9.85 7.16
C HIS A 21 29.74 11.00 6.47
N ASN A 22 30.49 10.72 5.40
CA ASN A 22 31.16 11.77 4.63
C ASN A 22 30.69 11.65 3.19
N ILE A 23 29.69 12.45 2.80
CA ILE A 23 29.17 12.30 1.46
C ILE A 23 30.16 12.69 0.37
N ASP A 24 31.26 13.36 0.73
CA ASP A 24 32.29 13.66 -0.25
C ASP A 24 33.26 12.53 -0.48
N ALA A 25 33.20 11.46 0.32
CA ALA A 25 34.19 10.41 0.21
C ALA A 25 34.31 9.87 -1.21
N SER A 26 33.16 9.63 -1.87
CA SER A 26 33.16 9.08 -3.22
C SER A 26 33.13 10.13 -4.31
N ALA A 27 33.19 11.42 -3.96
CA ALA A 27 33.12 12.47 -4.97
C ALA A 27 34.33 12.47 -5.91
N MET A 28 34.08 12.72 -7.18
CA MET A 28 35.14 12.74 -8.19
C MET A 28 35.50 14.17 -8.55
N PRO A 29 36.69 14.40 -9.11
CA PRO A 29 37.12 15.80 -9.29
C PRO A 29 36.20 16.60 -10.20
N LEU A 30 35.65 15.99 -11.24
CA LEU A 30 34.86 16.77 -12.19
C LEU A 30 33.43 17.04 -11.72
N THR A 31 32.90 16.22 -10.82
CA THR A 31 31.55 16.33 -10.31
C THR A 31 31.57 16.45 -8.80
N TYR A 32 32.50 17.27 -8.30
CA TYR A 32 32.85 17.21 -6.89
C TYR A 32 31.67 17.54 -6.00
N GLU A 33 30.84 18.50 -6.39
CA GLU A 33 29.74 18.95 -5.56
C GLU A 33 28.48 18.10 -5.73
N ARG A 34 28.46 17.17 -6.69
CA ARG A 34 27.22 16.54 -7.11
C ARG A 34 26.56 15.75 -5.98
N ASN A 35 27.34 15.00 -5.19
CA ASN A 35 26.71 14.26 -4.11
C ASN A 35 25.94 15.18 -3.15
N ARG A 36 26.40 16.42 -2.98
CA ARG A 36 25.72 17.33 -2.07
C ARG A 36 24.35 17.74 -2.63
N PHE A 37 24.28 18.09 -3.92
CA PHE A 37 22.98 18.42 -4.51
C PHE A 37 22.01 17.26 -4.36
N VAL A 38 22.48 16.05 -4.63
CA VAL A 38 21.62 14.88 -4.61
C VAL A 38 21.04 14.65 -3.22
N ILE A 39 21.90 14.65 -2.20
CA ILE A 39 21.40 14.39 -0.85
C ILE A 39 20.49 15.52 -0.39
N ASP A 40 20.82 16.77 -0.76
CA ASP A 40 19.96 17.89 -0.44
C ASP A 40 18.56 17.68 -1.01
N MET A 41 18.49 17.34 -2.31
CA MET A 41 17.19 17.10 -2.93
C MET A 41 16.46 15.92 -2.29
N LEU A 42 17.19 14.87 -1.88
CA LEU A 42 16.54 13.76 -1.19
C LEU A 42 15.95 14.21 0.15
N GLN A 43 16.68 15.03 0.91
CA GLN A 43 16.19 15.40 2.24
C GLN A 43 14.99 16.31 2.14
N HIS A 44 14.91 17.14 1.12
CA HIS A 44 13.85 18.13 1.09
C HIS A 44 12.74 17.81 0.11
N TYR A 45 12.96 16.96 -0.90
CA TYR A 45 11.91 16.60 -1.83
C TYR A 45 11.35 15.20 -1.62
N ALA A 46 12.22 14.20 -1.48
CA ALA A 46 11.77 12.82 -1.48
C ALA A 46 11.39 12.31 -0.10
N CYS A 47 12.15 12.65 0.93
CA CYS A 47 11.97 12.03 2.25
C CYS A 47 10.83 12.56 3.11
N PRO A 48 10.59 13.91 3.22
CA PRO A 48 9.60 14.41 4.21
C PRO A 48 8.29 13.64 4.31
N VAL A 49 7.61 13.45 3.18
CA VAL A 49 6.29 12.85 3.18
C VAL A 49 6.28 11.45 3.79
N PHE A 50 7.42 10.78 3.84
CA PHE A 50 7.51 9.45 4.43
C PHE A 50 8.19 9.47 5.80
N SER A 51 8.43 10.66 6.36
CA SER A 51 9.05 10.84 7.67
C SER A 51 8.01 11.20 8.75
N HIS A 52 8.41 11.03 10.01
CA HIS A 52 7.61 11.49 11.14
C HIS A 52 8.47 11.86 12.36
N VAL A 62 16.15 11.84 11.69
CA VAL A 62 14.94 11.52 10.95
C VAL A 62 14.53 10.07 11.22
N SER A 63 13.22 9.83 11.27
CA SER A 63 12.68 8.50 11.53
C SER A 63 11.54 8.22 10.56
N SER A 64 11.42 6.96 10.14
CA SER A 64 10.46 6.57 9.13
C SER A 64 10.27 5.06 9.19
N ASP A 65 9.08 4.61 8.77
CA ASP A 65 8.80 3.19 8.56
C ASP A 65 8.98 2.76 7.10
N VAL A 66 9.34 3.68 6.21
CA VAL A 66 9.50 3.37 4.80
C VAL A 66 10.96 3.24 4.41
N PHE A 67 11.79 4.17 4.88
CA PHE A 67 13.20 4.17 4.52
C PHE A 67 14.08 4.29 5.75
N GLU A 68 15.28 3.75 5.60
CA GLU A 68 16.33 3.78 6.61
C GLU A 68 17.49 4.56 6.01
N TRP A 69 17.88 5.63 6.68
CA TRP A 69 18.92 6.54 6.22
C TRP A 69 20.23 5.99 6.75
N VAL A 70 20.98 5.28 5.92
CA VAL A 70 22.11 4.51 6.43
C VAL A 70 23.34 5.41 6.50
N LEU A 71 23.92 5.53 7.69
CA LEU A 71 25.13 6.32 7.88
C LEU A 71 26.29 5.53 8.48
N GLU A 72 26.04 4.35 9.04
CA GLU A 72 27.10 3.42 9.45
C GLU A 72 26.45 2.05 9.66
N PRO A 73 27.25 0.96 9.59
CA PRO A 73 28.70 0.86 9.33
C PRO A 73 29.09 0.64 7.86
N PHE A 74 30.06 1.41 7.37
CA PHE A 74 30.63 1.14 6.03
C PHE A 74 31.80 0.20 6.17
N PRO A 75 31.75 -0.98 5.55
CA PRO A 75 32.90 -1.90 5.63
C PRO A 75 34.13 -1.26 5.00
N VAL A 76 35.26 -1.39 5.69
CA VAL A 76 36.55 -1.10 5.08
C VAL A 76 36.81 -2.14 4.01
N VAL A 77 36.92 -1.71 2.76
CA VAL A 77 37.17 -2.63 1.67
C VAL A 77 38.58 -2.42 1.15
N GLY A 78 39.17 -3.50 0.67
CA GLY A 78 40.44 -3.40 -0.01
C GLY A 78 40.47 -4.30 -1.22
N VAL A 79 41.68 -4.70 -1.64
CA VAL A 79 41.83 -5.45 -2.89
C VAL A 79 40.99 -6.72 -2.88
N GLU A 80 40.90 -7.38 -1.72
CA GLU A 80 40.24 -8.68 -1.68
C GLU A 80 38.73 -8.60 -1.89
N ASP A 81 38.12 -7.44 -1.64
CA ASP A 81 36.70 -7.22 -1.86
C ASP A 81 36.39 -6.79 -3.29
N MET A 82 37.37 -6.80 -4.16
CA MET A 82 37.17 -6.40 -5.54
C MET A 82 37.66 -7.44 -6.52
N THR A 83 38.29 -8.51 -6.03
CA THR A 83 38.84 -9.55 -6.89
C THR A 83 37.75 -10.45 -7.47
N ALA A 84 36.52 -10.36 -6.96
CA ALA A 84 35.43 -11.14 -7.52
C ALA A 84 35.23 -10.84 -9.00
N PHE A 85 35.61 -9.62 -9.43
CA PHE A 85 35.65 -9.24 -10.84
C PHE A 85 37.06 -8.88 -11.31
N HIS A 86 37.76 -7.99 -10.62
CA HIS A 86 38.95 -7.35 -11.20
C HIS A 86 40.21 -8.17 -11.00
N ASP A 87 41.07 -8.13 -12.02
CA ASP A 87 42.40 -8.71 -11.97
C ASP A 87 43.19 -8.16 -10.78
N ARG A 88 43.86 -9.05 -10.05
CA ARG A 88 44.53 -8.66 -8.80
C ARG A 88 45.67 -7.68 -9.03
N ALA A 89 46.47 -7.90 -10.09
CA ALA A 89 47.56 -6.97 -10.37
C ALA A 89 47.03 -5.56 -10.62
N TYR A 90 45.91 -5.47 -11.34
CA TYR A 90 45.29 -4.17 -11.59
C TYR A 90 44.89 -3.50 -10.28
N LEU A 91 44.20 -4.25 -9.41
CA LEU A 91 43.77 -3.69 -8.13
C LEU A 91 44.95 -3.30 -7.27
N ASN A 92 45.97 -4.16 -7.20
CA ASN A 92 47.15 -3.82 -6.41
CA ASN A 92 47.18 -3.84 -6.43
C ASN A 92 47.77 -2.52 -6.89
N TYR A 93 47.74 -2.28 -8.20
CA TYR A 93 48.33 -1.06 -8.75
C TYR A 93 47.54 0.16 -8.33
N LEU A 94 46.20 0.07 -8.39
CA LEU A 94 45.36 1.17 -7.95
C LEU A 94 45.61 1.48 -6.49
N SER A 95 45.79 0.44 -5.68
CA SER A 95 45.88 0.68 -4.25
C SER A 95 47.20 1.29 -3.80
N ILE A 96 48.24 1.33 -4.66
CA ILE A 96 49.51 1.99 -4.34
C ILE A 96 49.87 3.09 -5.33
N ARG A 97 49.06 3.35 -6.35
CA ARG A 97 49.45 4.27 -7.41
C ARG A 97 49.83 5.65 -6.88
N GLU A 98 49.18 6.10 -5.81
CA GLU A 98 49.48 7.42 -5.28
C GLU A 98 50.86 7.50 -4.64
N ALA A 99 51.49 6.36 -4.39
CA ALA A 99 52.88 6.32 -3.94
C ALA A 99 53.91 6.33 -5.07
N LEU A 100 53.50 6.32 -6.33
CA LEU A 100 54.45 6.04 -7.41
C LEU A 100 54.85 7.25 -8.24
N SER A 101 54.27 8.41 -8.01
CA SER A 101 54.76 9.62 -8.66
C SER A 101 54.27 10.80 -7.85
N GLU A 102 54.78 11.97 -8.21
CA GLU A 102 54.49 13.19 -7.47
C GLU A 102 53.24 13.84 -8.05
N VAL A 103 52.69 14.79 -7.29
CA VAL A 103 51.60 15.61 -7.79
C VAL A 103 52.11 16.46 -8.95
N ASP A 104 51.29 16.60 -9.99
CA ASP A 104 51.67 17.40 -11.14
C ASP A 104 51.51 18.88 -10.78
N GLU A 105 52.60 19.55 -10.47
CA GLU A 105 52.45 20.92 -10.01
C GLU A 105 52.35 21.92 -11.16
N ARG A 106 52.76 21.55 -12.37
CA ARG A 106 52.50 22.40 -13.52
C ARG A 106 51.01 22.44 -13.88
N ALA A 107 50.28 21.35 -13.61
CA ALA A 107 48.86 21.26 -13.92
C ALA A 107 47.99 21.97 -12.90
N SER A 108 48.55 22.38 -11.78
CA SER A 108 47.78 22.83 -10.63
C SER A 108 48.17 24.28 -10.33
N THR A 109 47.38 25.23 -10.86
CA THR A 109 47.61 26.64 -10.58
C THR A 109 47.16 27.04 -9.17
N VAL A 110 46.14 26.40 -8.62
CA VAL A 110 45.73 26.65 -7.24
C VAL A 110 46.34 25.55 -6.36
N LYS A 111 47.04 25.98 -5.33
CA LYS A 111 47.90 25.18 -4.48
C LYS A 111 47.20 24.89 -3.15
N PRO A 112 47.71 23.93 -2.38
CA PRO A 112 47.21 23.76 -1.01
C PRO A 112 47.29 25.07 -0.26
N PRO A 113 46.33 25.37 0.64
CA PRO A 113 45.22 24.51 1.09
C PRO A 113 43.93 24.65 0.33
N LEU A 114 43.92 25.24 -0.86
CA LEU A 114 42.67 25.48 -1.57
C LEU A 114 42.43 24.51 -2.72
N ARG A 115 43.02 23.32 -2.68
CA ARG A 115 42.82 22.36 -3.76
C ARG A 115 42.45 21.01 -3.16
N VAL A 116 41.92 20.15 -4.03
CA VAL A 116 41.48 18.83 -3.60
C VAL A 116 41.59 17.93 -4.82
N LEU A 117 41.92 16.66 -4.57
CA LEU A 117 42.08 15.64 -5.62
C LEU A 117 42.91 16.06 -6.84
N PRO A 118 44.14 16.54 -6.64
CA PRO A 118 44.93 16.98 -7.80
C PRO A 118 45.49 15.81 -8.60
N ASP A 119 45.68 16.04 -9.90
CA ASP A 119 46.29 15.06 -10.79
C ASP A 119 47.73 14.71 -10.39
N LEU A 120 48.06 13.43 -10.51
CA LEU A 120 49.43 12.96 -10.38
C LEU A 120 50.15 13.06 -11.73
N VAL A 121 51.47 13.01 -11.69
CA VAL A 121 52.27 12.92 -12.92
C VAL A 121 52.17 11.50 -13.46
N PRO A 122 51.94 11.29 -14.76
CA PRO A 122 51.75 9.92 -15.25
C PRO A 122 53.07 9.17 -15.28
N ILE A 123 52.95 7.84 -15.22
CA ILE A 123 54.11 6.96 -15.41
C ILE A 123 53.76 5.93 -16.48
N PRO A 124 54.78 5.36 -17.13
CA PRO A 124 54.49 4.44 -18.27
C PRO A 124 53.56 3.29 -17.92
N ALA A 125 53.65 2.72 -16.72
CA ALA A 125 52.77 1.64 -16.33
C ALA A 125 51.29 2.03 -16.35
N ASP A 126 50.96 3.33 -16.43
CA ASP A 126 49.54 3.71 -16.44
C ASP A 126 48.85 3.21 -17.69
N GLU A 127 49.62 3.05 -18.77
CA GLU A 127 49.07 2.74 -20.07
C GLU A 127 48.43 1.36 -20.11
N GLU A 128 49.02 0.38 -19.42
CA GLU A 128 48.48 -0.97 -19.45
C GLU A 128 47.11 -1.05 -18.83
N TYR A 129 46.85 -0.24 -17.79
CA TYR A 129 45.60 -0.33 -17.06
C TYR A 129 44.64 0.80 -17.42
N GLY A 130 44.87 1.47 -18.54
CA GLY A 130 43.99 2.55 -18.98
C GLY A 130 43.94 3.76 -18.07
N LEU A 131 44.89 3.91 -17.14
CA LEU A 131 44.90 5.06 -16.23
C LEU A 131 45.49 6.30 -16.90
N VAL A 132 44.88 6.69 -18.02
CA VAL A 132 45.32 7.82 -18.83
C VAL A 132 44.10 8.62 -19.24
N ASN A 133 44.34 9.82 -19.78
CA ASN A 133 43.27 10.76 -20.17
C ASN A 133 42.28 11.01 -19.05
N GLU A 134 41.00 10.67 -19.29
CA GLU A 134 39.99 10.93 -18.28
C GLU A 134 40.22 10.10 -17.03
N ASN A 135 40.97 9.01 -17.14
CA ASN A 135 41.26 8.17 -15.98
C ASN A 135 42.65 8.42 -15.38
N MET A 136 43.21 9.60 -15.60
CA MET A 136 44.43 10.04 -14.95
C MET A 136 44.34 9.78 -13.44
N PRO A 137 45.35 9.16 -12.82
CA PRO A 137 45.35 9.02 -11.36
C PRO A 137 45.45 10.38 -10.67
N PHE A 138 44.89 10.46 -9.47
CA PHE A 138 44.89 11.67 -8.67
C PHE A 138 45.03 11.31 -7.20
N VAL A 139 45.43 12.29 -6.39
CA VAL A 139 45.56 12.05 -4.96
C VAL A 139 44.18 11.80 -4.36
N GLY A 140 44.04 10.73 -3.60
CA GLY A 140 42.76 10.32 -3.06
C GLY A 140 42.00 9.30 -3.90
N MET A 141 42.52 8.94 -5.08
CA MET A 141 41.78 8.06 -5.99
C MET A 141 41.44 6.71 -5.35
N TRP A 142 42.38 6.11 -4.62
CA TRP A 142 42.09 4.84 -3.99
C TRP A 142 41.03 4.98 -2.90
N ARG A 143 41.05 6.09 -2.15
CA ARG A 143 39.99 6.32 -1.16
C ARG A 143 38.63 6.51 -1.82
N THR A 144 38.55 7.27 -2.93
CA THR A 144 37.24 7.41 -3.56
C THR A 144 36.76 6.09 -4.14
N ILE A 145 37.66 5.25 -4.67
CA ILE A 145 37.27 3.93 -5.13
C ILE A 145 36.73 3.11 -3.96
N GLN A 146 37.44 3.11 -2.83
CA GLN A 146 36.97 2.38 -1.67
C GLN A 146 35.58 2.83 -1.23
N ALA A 147 35.35 4.15 -1.14
CA ALA A 147 34.04 4.64 -0.73
C ALA A 147 32.94 4.13 -1.67
N THR A 148 33.18 4.22 -2.98
CA THR A 148 32.18 3.79 -3.95
C THR A 148 31.86 2.29 -3.80
N VAL A 149 32.89 1.43 -3.86
CA VAL A 149 32.68 -0.01 -3.73
C VAL A 149 32.04 -0.35 -2.40
N SER A 150 32.56 0.23 -1.32
CA SER A 150 32.03 -0.05 0.02
C SER A 150 30.54 0.27 0.08
N GLY A 151 30.14 1.44 -0.44
CA GLY A 151 28.74 1.81 -0.41
C GLY A 151 27.86 0.82 -1.16
N THR A 152 28.32 0.37 -2.33
CA THR A 152 27.50 -0.54 -3.13
C THR A 152 27.43 -1.91 -2.49
N LEU A 153 28.54 -2.40 -1.93
CA LEU A 153 28.51 -3.70 -1.25
C LEU A 153 27.57 -3.66 -0.05
N LEU A 154 27.63 -2.59 0.75
CA LEU A 154 26.68 -2.44 1.85
C LEU A 154 25.25 -2.43 1.34
N ALA A 155 24.98 -1.68 0.26
CA ALA A 155 23.61 -1.63 -0.27
C ALA A 155 23.15 -3.02 -0.73
N ALA A 156 24.05 -3.79 -1.36
CA ALA A 156 23.68 -5.13 -1.80
C ALA A 156 23.40 -6.05 -0.62
N ARG A 157 24.18 -5.94 0.44
CA ARG A 157 23.95 -6.78 1.61
C ARG A 157 22.66 -6.43 2.32
N LEU A 158 22.35 -5.13 2.44
CA LEU A 158 21.09 -4.75 3.07
C LEU A 158 19.92 -5.17 2.21
N LEU A 159 20.09 -5.14 0.89
CA LEU A 159 18.99 -5.51 0.01
C LEU A 159 18.63 -6.98 0.17
N ALA A 160 19.64 -7.84 0.39
CA ALA A 160 19.41 -9.28 0.51
C ALA A 160 18.65 -9.66 1.78
N GLN A 161 18.60 -8.78 2.77
CA GLN A 161 17.86 -9.09 3.99
C GLN A 161 16.37 -9.26 3.68
N PRO A 162 15.64 -10.02 4.50
CA PRO A 162 14.21 -10.16 4.28
C PRO A 162 13.45 -8.90 4.69
N GLY A 163 12.35 -8.66 3.99
CA GLY A 163 11.57 -7.46 4.20
C GLY A 163 12.11 -6.24 3.49
N ARG A 164 13.16 -6.37 2.70
CA ARG A 164 13.80 -5.24 2.04
C ARG A 164 13.34 -5.21 0.59
N PHE A 165 12.82 -4.07 0.16
CA PHE A 165 12.41 -3.86 -1.21
C PHE A 165 13.53 -3.27 -2.06
N ALA A 166 14.22 -2.25 -1.55
CA ALA A 166 15.21 -1.60 -2.38
C ALA A 166 16.30 -0.98 -1.52
N ALA A 167 17.48 -0.87 -2.13
CA ALA A 167 18.64 -0.19 -1.59
C ALA A 167 19.06 0.84 -2.63
N ILE A 168 19.34 2.05 -2.17
CA ILE A 168 19.61 3.18 -3.07
C ILE A 168 20.99 3.73 -2.76
N HIS A 169 21.90 3.63 -3.73
CA HIS A 169 23.24 4.22 -3.60
C HIS A 169 23.46 5.13 -4.81
N TRP A 170 23.10 6.41 -4.66
CA TRP A 170 23.27 7.34 -5.76
C TRP A 170 24.74 7.62 -6.10
N PHE A 171 25.67 7.21 -5.24
CA PHE A 171 27.08 7.54 -5.38
C PHE A 171 27.86 6.47 -6.14
N GLY A 172 27.27 5.28 -6.31
CA GLY A 172 27.91 4.20 -7.03
C GLY A 172 27.52 4.22 -8.49
N GLY A 173 27.86 3.12 -9.17
CA GLY A 173 27.48 2.97 -10.57
C GLY A 173 28.57 3.23 -11.59
N ARG A 174 29.81 2.86 -11.27
CA ARG A 174 30.94 3.04 -12.18
C ARG A 174 30.97 1.90 -13.22
N HIS A 175 30.06 1.99 -14.18
CA HIS A 175 29.76 0.85 -15.05
C HIS A 175 30.76 0.65 -16.19
N HIS A 176 31.73 1.55 -16.36
CA HIS A 176 32.68 1.42 -17.47
C HIS A 176 33.91 0.61 -17.15
N ALA A 177 34.23 0.40 -15.88
CA ALA A 177 35.47 -0.27 -15.54
C ALA A 177 35.43 -1.72 -15.99
N LYS A 178 36.57 -2.20 -16.47
CA LYS A 178 36.71 -3.57 -16.93
C LYS A 178 37.61 -4.37 -16.01
N LYS A 179 37.79 -5.65 -16.34
CA LYS A 179 38.49 -6.58 -15.46
C LYS A 179 39.88 -6.05 -15.06
N SER A 180 40.58 -5.40 -16.00
CA SER A 180 41.92 -4.88 -15.73
C SER A 180 42.16 -3.56 -16.47
N THR A 181 41.12 -2.80 -16.76
CA THR A 181 41.25 -1.51 -17.40
C THR A 181 40.26 -0.57 -16.75
N ALA A 182 40.71 0.67 -16.55
CA ALA A 182 39.80 1.74 -16.16
C ALA A 182 39.25 2.39 -17.43
N GLY A 183 38.18 3.17 -17.27
CA GLY A 183 37.58 3.84 -18.40
C GLY A 183 36.43 4.76 -18.01
N GLY A 184 36.27 5.86 -18.75
CA GLY A 184 35.19 6.79 -18.50
C GLY A 184 35.00 7.14 -17.04
N PHE A 185 36.10 7.47 -16.35
CA PHE A 185 36.14 7.84 -14.94
C PHE A 185 35.85 6.67 -13.99
N CYS A 186 35.83 5.44 -14.47
CA CYS A 186 35.53 4.31 -13.60
C CYS A 186 36.77 3.44 -13.47
N PHE A 187 37.14 3.11 -12.23
CA PHE A 187 38.30 2.27 -11.90
C PHE A 187 37.91 0.90 -11.40
N ALA A 188 37.09 0.81 -10.36
CA ALA A 188 36.48 -0.46 -9.97
C ALA A 188 35.01 -0.43 -10.40
N ASN A 189 34.49 -1.57 -10.83
CA ASN A 189 33.15 -1.62 -11.37
C ASN A 189 32.24 -2.08 -10.24
N ASP A 190 31.71 -1.12 -9.48
CA ASP A 190 30.86 -1.46 -8.36
C ASP A 190 29.50 -2.00 -8.80
N VAL A 191 29.08 -1.75 -10.04
CA VAL A 191 27.89 -2.40 -10.57
C VAL A 191 28.10 -3.91 -10.62
N VAL A 192 29.20 -4.34 -11.25
CA VAL A 192 29.48 -5.76 -11.37
C VAL A 192 29.69 -6.38 -10.00
N LEU A 193 30.48 -5.71 -9.14
CA LEU A 193 30.72 -6.22 -7.79
C LEU A 193 29.43 -6.27 -6.96
N GLY A 194 28.50 -5.35 -7.20
CA GLY A 194 27.23 -5.36 -6.49
C GLY A 194 26.30 -6.45 -6.96
N VAL A 195 26.24 -6.67 -8.28
CA VAL A 195 25.53 -7.83 -8.82
C VAL A 195 26.11 -9.14 -8.25
N LEU A 196 27.43 -9.25 -8.17
CA LEU A 196 28.05 -10.50 -7.69
C LEU A 196 27.77 -10.74 -6.21
N GLU A 197 27.79 -9.68 -5.39
CA GLU A 197 27.53 -9.86 -3.97
C GLU A 197 26.06 -10.16 -3.71
N LEU A 198 25.19 -9.50 -4.46
CA LEU A 198 23.78 -9.88 -4.45
C LEU A 198 23.61 -11.33 -4.87
N LYS A 199 24.35 -11.76 -5.90
CA LYS A 199 24.17 -13.09 -6.47
C LYS A 199 24.40 -14.16 -5.41
N LYS A 200 25.47 -14.04 -4.62
CA LYS A 200 25.75 -15.07 -3.62
C LYS A 200 24.80 -15.03 -2.43
N LEU A 201 24.12 -13.91 -2.19
CA LEU A 201 23.26 -13.79 -1.01
C LEU A 201 21.79 -14.06 -1.29
N LEU A 202 21.40 -14.27 -2.54
CA LEU A 202 20.03 -14.61 -2.89
C LEU A 202 19.87 -16.12 -2.96
N SER A 203 18.62 -16.56 -2.80
CA SER A 203 18.31 -17.98 -2.87
C SER A 203 18.83 -18.57 -4.18
N SER A 204 19.37 -19.78 -4.10
CA SER A 204 19.86 -20.45 -5.29
C SER A 204 18.73 -20.93 -6.20
N ASP A 205 17.49 -20.91 -5.73
CA ASP A 205 16.35 -21.25 -6.59
C ASP A 205 15.90 -20.07 -7.43
N LYS A 206 16.06 -18.85 -6.92
CA LYS A 206 15.59 -17.65 -7.60
C LYS A 206 16.70 -16.61 -7.48
N ASN A 207 17.57 -16.52 -8.50
CA ASN A 207 18.62 -15.51 -8.44
C ASN A 207 19.02 -14.95 -9.80
N GLY A 208 18.16 -15.03 -10.82
CA GLY A 208 18.38 -14.25 -12.02
C GLY A 208 18.39 -12.76 -11.69
N ILE A 209 19.24 -12.02 -12.39
CA ILE A 209 19.34 -10.57 -12.19
C ILE A 209 19.20 -9.88 -13.54
N LEU A 210 18.42 -8.81 -13.56
CA LEU A 210 18.35 -7.92 -14.70
C LEU A 210 19.03 -6.62 -14.31
N VAL A 211 19.95 -6.14 -15.12
CA VAL A 211 20.55 -4.84 -14.82
C VAL A 211 20.27 -3.90 -15.99
N VAL A 212 19.59 -2.80 -15.70
CA VAL A 212 19.12 -1.84 -16.69
C VAL A 212 19.96 -0.58 -16.52
N ASP A 213 20.64 -0.19 -17.60
CA ASP A 213 21.63 0.88 -17.59
C ASP A 213 21.10 2.01 -18.46
N VAL A 214 20.55 3.05 -17.85
CA VAL A 214 19.95 4.17 -18.59
C VAL A 214 20.84 5.40 -18.54
N ASP A 215 22.09 5.25 -18.13
CA ASP A 215 23.10 6.27 -18.36
C ASP A 215 23.21 6.51 -19.88
N ALA A 216 23.61 7.73 -20.27
CA ALA A 216 23.74 8.05 -21.70
C ALA A 216 24.82 7.26 -22.42
N HIS A 217 25.69 6.53 -21.72
CA HIS A 217 26.81 5.85 -22.33
C HIS A 217 26.70 4.35 -22.16
N HIS A 218 27.23 3.61 -23.14
CA HIS A 218 27.13 2.16 -23.15
C HIS A 218 27.73 1.54 -21.90
N GLY A 219 26.94 0.75 -21.18
CA GLY A 219 27.46 0.06 -20.02
C GLY A 219 28.41 -1.07 -20.38
N ASP A 220 29.59 -0.72 -20.91
CA ASP A 220 30.45 -1.72 -21.51
C ASP A 220 31.16 -2.57 -20.47
N GLY A 221 31.56 -1.99 -19.35
CA GLY A 221 32.17 -2.79 -18.31
C GLY A 221 31.21 -3.87 -17.82
N THR A 222 30.01 -3.46 -17.46
CA THR A 222 29.03 -4.42 -16.96
C THR A 222 28.73 -5.50 -17.99
N GLN A 223 28.56 -5.10 -19.25
CA GLN A 223 28.23 -6.08 -20.27
C GLN A 223 29.36 -7.08 -20.44
N SER A 224 30.62 -6.61 -20.36
CA SER A 224 31.73 -7.53 -20.58
C SER A 224 31.83 -8.55 -19.45
N ALA A 225 31.50 -8.14 -18.23
CA ALA A 225 31.57 -9.07 -17.11
C ALA A 225 30.58 -10.22 -17.22
N PHE A 226 29.54 -10.10 -18.04
CA PHE A 226 28.49 -11.11 -18.06
C PHE A 226 28.18 -11.60 -19.46
N LEU A 227 29.09 -11.37 -20.40
CA LEU A 227 28.85 -11.68 -21.81
C LEU A 227 28.46 -13.14 -22.01
N HIS A 228 29.03 -14.06 -21.24
CA HIS A 228 28.82 -15.49 -21.44
C HIS A 228 27.82 -16.08 -20.47
N ASP A 229 27.13 -15.24 -19.71
CA ASP A 229 26.30 -15.65 -18.58
C ASP A 229 24.84 -15.45 -18.95
N ASN A 230 24.00 -16.44 -18.67
CA ASN A 230 22.58 -16.30 -18.96
C ASN A 230 21.75 -16.08 -17.69
N SER A 231 22.38 -15.91 -16.54
CA SER A 231 21.71 -15.59 -15.29
C SER A 231 21.73 -14.10 -14.98
N VAL A 232 22.51 -13.32 -15.70
CA VAL A 232 22.53 -11.86 -15.60
C VAL A 232 22.25 -11.33 -17.01
N LEU A 233 21.13 -10.64 -17.18
CA LEU A 233 20.81 -9.97 -18.43
C LEU A 233 21.14 -8.48 -18.28
N THR A 234 22.02 -7.98 -19.13
CA THR A 234 22.38 -6.56 -19.11
C THR A 234 21.67 -5.87 -20.25
N LEU A 235 20.90 -4.82 -19.94
CA LEU A 235 20.18 -4.02 -20.92
C LEU A 235 20.67 -2.59 -20.81
N SER A 236 21.30 -2.09 -21.86
CA SER A 236 21.82 -0.74 -21.87
C SER A 236 21.12 0.09 -22.95
N MET A 237 20.61 1.25 -22.55
CA MET A 237 20.17 2.32 -23.42
C MET A 237 21.30 3.33 -23.53
N HIS A 238 21.58 3.83 -24.73
CA HIS A 238 22.72 4.76 -24.80
C HIS A 238 22.78 5.41 -26.17
N ALA A 239 23.37 6.61 -26.21
CA ALA A 239 23.71 7.24 -27.47
C ALA A 239 24.76 6.42 -28.21
N HIS A 240 24.69 6.43 -29.53
CA HIS A 240 25.61 5.64 -30.33
C HIS A 240 25.80 6.34 -31.65
N GLY A 241 27.04 6.43 -32.09
CA GLY A 241 27.37 7.21 -33.26
C GLY A 241 28.83 7.59 -33.26
N VAL A 242 29.26 8.16 -34.38
CA VAL A 242 30.68 8.49 -34.57
C VAL A 242 31.12 9.48 -33.51
N GLY A 243 32.20 9.14 -32.81
CA GLY A 243 32.69 9.98 -31.74
C GLY A 243 31.79 10.12 -30.54
N ILE A 244 30.91 9.15 -30.28
CA ILE A 244 30.18 9.07 -29.01
C ILE A 244 30.86 7.99 -28.15
N PHE A 245 31.28 8.37 -26.95
CA PHE A 245 31.94 7.45 -26.04
C PHE A 245 30.98 6.34 -25.60
N PRO A 246 31.48 5.10 -25.39
CA PRO A 246 32.84 4.59 -25.62
C PRO A 246 33.00 3.90 -26.97
N GLY A 247 31.99 3.98 -27.84
CA GLY A 247 32.12 3.47 -29.19
C GLY A 247 31.41 2.15 -29.45
N THR A 248 31.22 1.33 -28.42
CA THR A 248 30.58 0.04 -28.53
C THR A 248 29.07 0.14 -28.28
N GLY A 249 28.39 -0.99 -28.22
CA GLY A 249 26.98 -1.00 -27.88
C GLY A 249 26.02 -0.98 -29.05
N GLY A 250 26.46 -1.41 -30.23
CA GLY A 250 25.57 -1.51 -31.35
C GLY A 250 24.56 -2.63 -31.20
N ILE A 251 23.60 -2.64 -32.12
CA ILE A 251 22.47 -3.55 -31.99
C ILE A 251 22.90 -5.00 -32.14
N GLU A 252 24.05 -5.26 -32.78
CA GLU A 252 24.50 -6.63 -33.02
C GLU A 252 25.19 -7.27 -31.83
N GLU A 253 25.44 -6.54 -30.73
CA GLU A 253 26.05 -7.15 -29.55
C GLU A 253 24.94 -7.82 -28.74
N ILE A 254 24.84 -9.15 -28.85
CA ILE A 254 23.72 -9.88 -28.25
C ILE A 254 24.18 -10.97 -27.29
N GLY A 255 25.47 -11.07 -27.01
CA GLY A 255 25.98 -12.04 -26.07
C GLY A 255 26.65 -13.21 -26.78
N ALA A 256 27.22 -14.09 -25.96
CA ALA A 256 28.13 -15.13 -26.44
C ALA A 256 27.90 -16.43 -25.67
N GLY A 257 27.86 -17.54 -26.41
CA GLY A 257 27.79 -18.84 -25.75
C GLY A 257 26.47 -19.02 -25.03
N LEU A 258 26.54 -19.48 -23.79
CA LEU A 258 25.31 -19.56 -22.99
C LEU A 258 24.65 -18.20 -22.83
N GLY A 259 25.45 -17.12 -22.90
CA GLY A 259 24.95 -15.76 -22.76
C GLY A 259 24.28 -15.17 -23.97
N ARG A 260 24.21 -15.90 -25.08
CA ARG A 260 23.58 -15.37 -26.29
C ARG A 260 22.08 -15.15 -26.07
N GLY A 261 21.62 -13.93 -26.36
CA GLY A 261 20.28 -13.49 -26.03
C GLY A 261 20.15 -12.76 -24.70
N PHE A 262 21.19 -12.73 -23.88
CA PHE A 262 21.11 -12.11 -22.57
C PHE A 262 21.97 -10.86 -22.47
N THR A 263 22.31 -10.28 -23.61
CA THR A 263 22.89 -8.95 -23.71
C THR A 263 21.99 -8.16 -24.66
N MET A 264 21.41 -7.07 -24.17
CA MET A 264 20.56 -6.23 -25.02
C MET A 264 21.10 -4.80 -25.05
N ASN A 265 21.17 -4.24 -26.24
CA ASN A 265 21.57 -2.86 -26.40
C ASN A 265 20.50 -2.07 -27.14
N VAL A 266 20.25 -0.85 -26.67
CA VAL A 266 19.33 0.04 -27.35
C VAL A 266 20.12 1.28 -27.72
N PRO A 267 20.86 1.25 -28.82
CA PRO A 267 21.70 2.39 -29.22
C PRO A 267 20.84 3.48 -29.86
N LEU A 268 20.92 4.69 -29.31
CA LEU A 268 20.05 5.76 -29.82
C LEU A 268 20.82 6.79 -30.64
N PRO A 269 20.17 7.40 -31.63
CA PRO A 269 20.81 8.51 -32.36
C PRO A 269 21.03 9.72 -31.47
N GLU A 270 22.15 10.38 -31.68
CA GLU A 270 22.48 11.58 -30.92
C GLU A 270 21.34 12.59 -30.93
N GLY A 271 20.90 13.01 -29.75
CA GLY A 271 19.81 13.95 -29.65
C GLY A 271 18.43 13.34 -29.44
N ALA A 272 18.30 12.01 -29.43
CA ALA A 272 17.02 11.35 -29.26
C ALA A 272 16.26 11.88 -28.05
N THR A 273 14.93 12.02 -28.20
CA THR A 273 14.03 12.44 -27.13
C THR A 273 13.25 11.26 -26.55
N ASP A 274 12.31 11.57 -25.65
CA ASP A 274 11.53 10.53 -24.97
C ASP A 274 10.77 9.67 -25.95
N ILE A 275 10.22 10.26 -27.02
CA ILE A 275 9.33 9.50 -27.89
C ILE A 275 10.09 8.34 -28.52
N LEU A 276 11.41 8.48 -28.73
CA LEU A 276 12.21 7.33 -29.15
C LEU A 276 12.66 6.50 -27.96
N ALA A 277 13.41 7.12 -27.03
CA ALA A 277 14.06 6.36 -25.97
C ALA A 277 13.06 5.61 -25.10
N VAL A 278 11.98 6.28 -24.70
CA VAL A 278 11.05 5.64 -23.78
C VAL A 278 10.33 4.50 -24.47
N THR A 279 9.82 4.75 -25.69
CA THR A 279 9.11 3.71 -26.41
C THR A 279 9.99 2.48 -26.58
N LEU A 280 11.25 2.69 -26.99
CA LEU A 280 12.14 1.57 -27.25
C LEU A 280 12.55 0.87 -25.98
N MET A 281 12.79 1.62 -24.90
CA MET A 281 13.13 0.97 -23.63
C MET A 281 11.95 0.17 -23.07
N TYR A 282 10.73 0.69 -23.20
CA TYR A 282 9.57 -0.10 -22.77
C TYR A 282 9.53 -1.42 -23.51
N ARG A 283 9.78 -1.36 -24.81
CA ARG A 283 9.73 -2.57 -25.64
C ARG A 283 10.84 -3.53 -25.24
N SER A 284 12.05 -3.03 -25.03
CA SER A 284 13.16 -3.91 -24.67
C SER A 284 13.01 -4.48 -23.25
N ILE A 285 12.53 -3.68 -22.32
CA ILE A 285 12.38 -4.17 -20.95
C ILE A 285 11.41 -5.33 -20.88
N HIS A 286 10.32 -5.29 -21.66
CA HIS A 286 9.35 -6.39 -21.65
C HIS A 286 9.94 -7.64 -22.28
N PHE A 287 10.73 -7.49 -23.34
CA PHE A 287 11.51 -8.63 -23.82
C PHE A 287 12.39 -9.20 -22.70
N ALA A 288 13.13 -8.34 -22.01
CA ALA A 288 14.04 -8.83 -20.98
C ALA A 288 13.30 -9.57 -19.87
N PHE A 289 12.15 -9.03 -19.43
CA PHE A 289 11.34 -9.73 -18.44
C PHE A 289 10.97 -11.13 -18.92
N LYS A 290 10.72 -11.27 -20.22
CA LYS A 290 10.34 -12.57 -20.77
C LYS A 290 11.53 -13.53 -20.79
N LYS A 291 12.64 -13.12 -21.43
CA LYS A 291 13.84 -13.95 -21.48
C LYS A 291 14.28 -14.45 -20.11
N LEU A 292 14.01 -13.69 -19.07
CA LEU A 292 14.42 -14.11 -17.73
C LEU A 292 13.35 -14.92 -17.00
N GLY A 293 12.07 -14.74 -17.34
CA GLY A 293 11.05 -15.60 -16.77
C GLY A 293 10.96 -15.53 -15.25
N GLU A 294 10.49 -16.63 -14.66
CA GLU A 294 10.20 -16.67 -13.21
C GLU A 294 11.45 -16.77 -12.34
N GLY A 295 12.61 -17.06 -12.92
CA GLY A 295 13.81 -17.08 -12.12
C GLY A 295 14.31 -15.71 -11.70
N LEU A 296 13.67 -14.64 -12.16
CA LEU A 296 14.16 -13.29 -11.87
C LEU A 296 13.98 -12.97 -10.40
N ALA A 297 15.07 -12.51 -9.75
CA ALA A 297 15.03 -12.17 -8.34
C ALA A 297 15.26 -10.69 -8.03
N ALA A 298 16.08 -10.01 -8.80
CA ALA A 298 16.47 -8.64 -8.50
C ALA A 298 16.67 -7.85 -9.78
N ILE A 299 16.46 -6.56 -9.70
CA ILE A 299 16.75 -5.63 -10.77
C ILE A 299 17.73 -4.64 -10.20
N VAL A 300 18.84 -4.43 -10.89
CA VAL A 300 19.73 -3.34 -10.52
C VAL A 300 19.64 -2.30 -11.62
N ILE A 301 19.40 -1.06 -11.21
CA ILE A 301 19.17 0.05 -12.12
C ILE A 301 20.35 0.99 -12.00
N VAL A 302 21.07 1.17 -13.10
CA VAL A 302 22.17 2.12 -13.17
C VAL A 302 21.58 3.39 -13.76
N CYS A 303 21.34 4.38 -12.91
CA CYS A 303 20.53 5.53 -13.31
C CYS A 303 21.42 6.77 -13.39
N GLY A 304 21.97 7.00 -14.57
CA GLY A 304 22.71 8.22 -14.80
C GLY A 304 21.77 9.34 -15.18
N SER A 305 22.18 10.58 -14.91
CA SER A 305 21.43 11.74 -15.34
C SER A 305 22.03 12.42 -16.55
N ASP A 306 23.06 11.84 -17.17
CA ASP A 306 23.64 12.50 -18.33
C ASP A 306 22.90 12.18 -19.62
N ALA A 307 21.90 11.30 -19.60
CA ALA A 307 20.99 11.20 -20.75
C ALA A 307 20.03 12.38 -20.83
N LEU A 308 19.84 13.13 -19.75
CA LEU A 308 18.89 14.24 -19.75
C LEU A 308 19.34 15.34 -20.71
N SER A 309 18.35 15.94 -21.36
CA SER A 309 18.60 17.07 -22.24
C SER A 309 19.41 18.14 -21.52
N GLY A 310 20.29 18.81 -22.26
CA GLY A 310 21.15 19.81 -21.67
C GLY A 310 22.43 19.28 -21.06
N ASP A 311 22.67 17.99 -21.09
CA ASP A 311 23.90 17.54 -20.48
C ASP A 311 25.07 17.81 -21.42
N PRO A 312 26.23 18.23 -20.91
CA PRO A 312 27.35 18.59 -21.80
C PRO A 312 28.05 17.38 -22.41
N LEU A 313 27.97 16.19 -21.80
CA LEU A 313 28.66 15.00 -22.29
C LEU A 313 27.72 13.96 -22.87
N GLY A 314 26.63 13.67 -22.16
CA GLY A 314 25.61 12.84 -22.77
C GLY A 314 25.08 13.53 -24.00
N ALA A 315 24.77 12.75 -25.02
CA ALA A 315 24.33 13.43 -26.23
C ALA A 315 22.89 13.04 -26.55
N LEU A 316 22.00 13.11 -25.56
CA LEU A 316 20.60 12.73 -25.70
C LEU A 316 19.73 13.89 -25.25
N ASN A 317 18.41 13.74 -25.36
CA ASN A 317 17.50 14.79 -24.95
C ASN A 317 16.33 14.22 -24.19
N LEU A 318 16.59 13.31 -23.26
CA LEU A 318 15.49 12.83 -22.46
C LEU A 318 15.03 13.90 -21.47
N THR A 319 13.77 13.83 -21.09
CA THR A 319 13.20 14.64 -20.03
C THR A 319 13.30 13.90 -18.70
N VAL A 320 13.18 14.65 -17.60
CA VAL A 320 13.11 14.01 -16.30
C VAL A 320 11.93 13.06 -16.27
N GLY A 321 10.79 13.49 -16.82
CA GLY A 321 9.60 12.64 -16.88
C GLY A 321 9.81 11.37 -17.69
N GLY A 322 10.59 11.45 -18.77
CA GLY A 322 10.86 10.25 -19.55
C GLY A 322 11.71 9.24 -18.80
N MET A 323 12.76 9.71 -18.13
CA MET A 323 13.59 8.80 -17.34
C MET A 323 12.79 8.19 -16.20
N GLN A 324 12.03 9.02 -15.51
CA GLN A 324 11.14 8.55 -14.45
C GLN A 324 10.18 7.49 -14.98
N SER A 325 9.70 7.67 -16.21
CA SER A 325 8.74 6.75 -16.79
C SER A 325 9.33 5.36 -16.99
N ILE A 326 10.53 5.29 -17.59
CA ILE A 326 11.27 4.04 -17.75
C ILE A 326 11.44 3.33 -16.41
N ILE A 327 11.89 4.08 -15.41
CA ILE A 327 12.17 3.48 -14.11
C ILE A 327 10.87 3.06 -13.41
N ARG A 328 9.77 3.80 -13.61
CA ARG A 328 8.49 3.40 -13.04
C ARG A 328 8.05 2.02 -13.54
N LEU A 329 8.38 1.69 -14.79
CA LEU A 329 8.04 0.36 -15.29
C LEU A 329 8.78 -0.74 -14.54
N LEU A 330 10.07 -0.53 -14.27
CA LEU A 330 10.84 -1.50 -13.49
C LEU A 330 10.37 -1.58 -12.03
N LEU A 331 10.08 -0.43 -11.42
CA LEU A 331 9.61 -0.48 -10.03
C LEU A 331 8.28 -1.21 -9.93
N LYS A 332 7.35 -0.90 -10.84
CA LYS A 332 6.03 -1.54 -10.83
C LYS A 332 6.14 -3.05 -10.96
N GLU A 333 6.98 -3.53 -11.89
CA GLU A 333 7.16 -4.98 -12.07
C GLU A 333 7.81 -5.62 -10.83
N ALA A 334 8.77 -4.93 -10.22
CA ALA A 334 9.39 -5.46 -9.01
C ALA A 334 8.42 -5.48 -7.84
N ALA A 335 7.54 -4.48 -7.73
CA ALA A 335 6.56 -4.47 -6.64
C ALA A 335 5.58 -5.62 -6.79
N ARG A 336 5.01 -5.81 -7.99
CA ARG A 336 4.05 -6.89 -8.22
C ARG A 336 4.65 -8.26 -7.88
N ARG A 337 5.77 -8.59 -8.50
CA ARG A 337 6.39 -9.91 -8.35
C ARG A 337 7.26 -10.03 -7.10
N SER A 338 7.24 -9.03 -6.21
CA SER A 338 8.05 -9.02 -4.99
C SER A 338 9.52 -9.36 -5.28
N LEU A 339 10.14 -8.46 -6.03
CA LEU A 339 11.55 -8.56 -6.34
C LEU A 339 12.33 -7.56 -5.51
N LYS A 340 13.65 -7.59 -5.65
CA LYS A 340 14.52 -6.65 -4.98
C LYS A 340 15.06 -5.67 -6.02
N VAL A 341 15.27 -4.43 -5.59
CA VAL A 341 15.75 -3.38 -6.48
C VAL A 341 17.00 -2.74 -5.90
N LEU A 342 18.07 -2.73 -6.69
CA LEU A 342 19.30 -2.05 -6.34
C LEU A 342 19.42 -0.86 -7.28
N LEU A 343 19.32 0.34 -6.74
CA LEU A 343 19.38 1.56 -7.54
C LEU A 343 20.74 2.22 -7.35
N LEU A 344 21.48 2.39 -8.45
CA LEU A 344 22.77 3.06 -8.44
C LEU A 344 22.70 4.31 -9.30
N GLY A 345 23.55 5.28 -8.99
CA GLY A 345 23.78 6.41 -9.87
C GLY A 345 24.75 6.04 -10.99
N ALA A 346 25.23 7.07 -11.67
CA ALA A 346 26.25 6.91 -12.72
C ALA A 346 26.80 8.26 -13.17
N GLY A 347 26.89 8.47 -14.49
CA GLY A 347 27.27 9.77 -15.01
C GLY A 347 26.19 10.81 -14.81
N GLY A 348 26.52 12.05 -15.14
CA GLY A 348 25.65 13.20 -14.96
C GLY A 348 26.48 14.43 -14.66
N TYR A 349 26.46 15.42 -15.55
CA TYR A 349 27.41 16.52 -15.48
C TYR A 349 26.71 17.87 -15.37
N VAL A 350 25.43 17.86 -14.97
CA VAL A 350 24.73 19.05 -14.50
C VAL A 350 24.18 18.73 -13.11
N ASP A 351 24.67 19.46 -12.10
CA ASP A 351 24.36 19.13 -10.71
C ASP A 351 22.86 19.17 -10.45
N THR A 352 22.19 20.21 -10.92
CA THR A 352 20.76 20.33 -10.64
C THR A 352 19.93 19.31 -11.39
N SER A 353 20.32 18.94 -12.62
CA SER A 353 19.59 17.88 -13.31
C SER A 353 19.77 16.56 -12.60
N CYS A 354 20.97 16.32 -12.09
CA CYS A 354 21.21 15.09 -11.36
C CYS A 354 20.33 15.01 -10.11
N ALA A 355 20.21 16.12 -9.38
CA ALA A 355 19.42 16.08 -8.14
C ALA A 355 17.92 16.04 -8.43
N ARG A 356 17.45 16.78 -9.44
CA ARG A 356 16.06 16.67 -9.84
C ARG A 356 15.69 15.21 -10.14
N LEU A 357 16.49 14.55 -10.97
CA LEU A 357 16.23 13.15 -11.31
C LEU A 357 16.31 12.25 -10.09
N ALA A 358 17.39 12.36 -9.30
CA ALA A 358 17.50 11.55 -8.09
C ALA A 358 16.31 11.78 -7.17
N GLY A 359 15.80 13.01 -7.12
CA GLY A 359 14.68 13.30 -6.26
C GLY A 359 13.41 12.56 -6.65
N VAL A 360 13.01 12.64 -7.93
CA VAL A 360 11.74 12.03 -8.30
C VAL A 360 11.87 10.50 -8.37
N VAL A 361 13.02 9.97 -8.82
CA VAL A 361 13.19 8.52 -8.79
C VAL A 361 13.14 8.00 -7.36
N THR A 362 13.81 8.69 -6.43
CA THR A 362 13.78 8.22 -5.05
C THR A 362 12.37 8.31 -4.47
N LYS A 363 11.66 9.40 -4.75
CA LYS A 363 10.30 9.53 -4.22
C LYS A 363 9.40 8.44 -4.78
N ASP A 364 9.61 8.07 -6.05
CA ASP A 364 8.90 6.94 -6.62
C ASP A 364 9.21 5.66 -5.88
N VAL A 365 10.47 5.42 -5.54
CA VAL A 365 10.84 4.18 -4.85
C VAL A 365 10.16 4.12 -3.50
N LEU A 366 10.22 5.23 -2.75
CA LEU A 366 9.59 5.28 -1.43
C LEU A 366 8.08 5.10 -1.55
N SER A 367 7.44 5.86 -2.45
CA SER A 367 6.00 5.74 -2.61
C SER A 367 5.61 4.31 -2.92
N CYS A 368 6.41 3.65 -3.75
CA CYS A 368 6.12 2.29 -4.15
C CYS A 368 6.24 1.33 -2.97
N ALA A 369 7.32 1.46 -2.19
CA ALA A 369 7.52 0.61 -1.03
C ALA A 369 6.45 0.86 0.02
N ALA A 370 6.02 2.11 0.18
CA ALA A 370 4.98 2.42 1.16
C ALA A 370 3.66 1.80 0.74
N ALA A 371 3.35 1.87 -0.56
CA ALA A 371 2.15 1.22 -1.08
C ALA A 371 2.19 -0.28 -0.86
N MET A 372 3.35 -0.91 -1.05
CA MET A 372 3.43 -2.36 -0.90
C MET A 372 3.09 -2.79 0.52
N ARG A 373 3.63 -2.10 1.53
CA ARG A 373 3.41 -2.55 2.89
C ARG A 373 1.95 -2.37 3.33
N LEU A 374 1.19 -1.53 2.64
CA LEU A 374 -0.22 -1.32 2.91
C LEU A 374 -1.12 -2.18 2.02
N GLY A 375 -0.55 -3.05 1.20
CA GLY A 375 -1.32 -3.93 0.36
C GLY A 375 -1.85 -3.32 -0.92
N LYS A 376 -1.52 -2.08 -1.25
CA LYS A 376 -2.11 -1.46 -2.43
C LYS A 376 -1.50 -2.04 -3.71
N THR A 377 -2.21 -1.81 -4.81
CA THR A 377 -1.74 -2.15 -6.15
C THR A 377 -1.50 -0.93 -7.01
N GLU A 378 -1.72 0.27 -6.46
CA GLU A 378 -1.38 1.53 -7.12
C GLU A 378 -0.18 2.09 -6.39
N TYR A 379 0.94 2.20 -7.09
CA TYR A 379 2.23 2.32 -6.42
C TYR A 379 2.76 3.75 -6.34
N PHE A 380 2.24 4.68 -7.17
CA PHE A 380 2.87 5.99 -7.30
C PHE A 380 1.96 7.12 -6.87
N GLY A 381 0.98 6.85 -5.99
CA GLY A 381 0.07 7.87 -5.52
C GLY A 381 0.69 8.96 -4.67
N ASP A 382 1.88 8.72 -4.12
CA ASP A 382 2.54 9.74 -3.31
C ASP A 382 3.66 10.46 -4.05
N SER A 383 3.75 10.32 -5.37
CA SER A 383 4.89 10.88 -6.09
C SER A 383 4.44 11.43 -7.44
N ALA A 384 4.64 12.73 -7.65
CA ALA A 384 4.15 13.37 -8.86
C ALA A 384 4.81 12.78 -10.10
N ASN A 385 4.00 12.59 -11.13
CA ASN A 385 4.48 12.15 -12.43
C ASN A 385 4.91 13.38 -13.20
N LEU A 386 6.22 13.53 -13.41
CA LEU A 386 6.67 14.74 -14.07
C LEU A 386 6.38 14.72 -15.57
N GLY A 387 5.93 13.59 -16.12
CA GLY A 387 5.57 13.55 -17.52
C GLY A 387 4.31 14.32 -17.84
N ASP A 388 3.43 14.50 -16.85
CA ASP A 388 2.18 15.23 -17.03
C ASP A 388 1.99 16.36 -16.02
N ASN A 389 2.75 16.39 -14.93
CA ASN A 389 2.66 17.47 -13.95
C ASN A 389 3.89 18.35 -14.13
N LEU A 390 3.71 19.46 -14.83
CA LEU A 390 4.79 20.40 -15.09
C LEU A 390 4.80 21.55 -14.08
N GLY A 391 4.18 21.36 -12.91
CA GLY A 391 4.07 22.41 -11.94
C GLY A 391 4.68 22.11 -10.58
N VAL A 392 5.40 21.00 -10.46
CA VAL A 392 6.02 20.64 -9.18
C VAL A 392 7.19 21.58 -8.89
N ALA A 393 7.16 22.21 -7.73
CA ALA A 393 8.21 23.15 -7.37
C ALA A 393 9.38 22.45 -6.69
N VAL A 394 10.58 22.94 -6.97
CA VAL A 394 11.73 22.58 -6.13
C VAL A 394 11.46 23.05 -4.70
N PRO A 395 11.66 22.21 -3.69
CA PRO A 395 11.37 22.64 -2.31
C PRO A 395 12.17 23.89 -1.94
N GLU A 396 11.47 24.94 -1.53
CA GLU A 396 12.13 26.17 -1.11
C GLU A 396 13.07 25.96 0.06
N GLY A 397 12.90 24.88 0.82
CA GLY A 397 13.85 24.55 1.87
C GLY A 397 15.17 23.96 1.42
N CYS A 398 15.33 23.61 0.13
CA CYS A 398 16.60 23.09 -0.37
C CYS A 398 17.74 24.08 -0.10
N GLU A 399 18.81 23.58 0.51
CA GLU A 399 20.02 24.38 0.64
C GLU A 399 20.45 24.97 -0.71
N TYR A 400 20.40 24.19 -1.79
CA TYR A 400 20.85 24.67 -3.07
C TYR A 400 19.73 25.32 -3.90
N PHE A 401 18.60 25.67 -3.26
CA PHE A 401 17.41 26.15 -3.96
C PHE A 401 17.73 27.22 -5.00
N THR A 402 18.58 28.19 -4.66
CA THR A 402 18.85 29.30 -5.56
C THR A 402 19.54 28.86 -6.85
N ARG A 403 19.97 27.60 -6.97
CA ARG A 403 20.58 27.10 -8.20
C ARG A 403 19.56 26.53 -9.20
N TYR A 404 18.30 26.39 -8.83
CA TYR A 404 17.35 25.66 -9.66
C TYR A 404 16.59 26.57 -10.61
N GLY A 405 17.06 27.78 -10.84
CA GLY A 405 16.46 28.66 -11.82
C GLY A 405 16.86 28.27 -13.22
N PRO A 406 16.18 28.87 -14.21
CA PRO A 406 15.11 29.89 -14.06
C PRO A 406 13.71 29.41 -13.66
N SER A 407 13.43 28.11 -13.81
CA SER A 407 12.07 27.65 -13.56
C SER A 407 11.79 27.41 -12.08
N PHE A 408 12.78 26.93 -11.33
CA PHE A 408 12.58 26.46 -9.96
C PHE A 408 11.53 25.36 -9.89
N LEU A 409 11.44 24.55 -10.95
CA LEU A 409 10.52 23.44 -11.02
C LEU A 409 11.31 22.14 -11.16
N MET A 410 10.72 21.03 -10.71
CA MET A 410 11.45 19.76 -10.65
C MET A 410 11.75 19.18 -12.02
N HIS A 411 11.06 19.60 -13.07
CA HIS A 411 11.36 19.07 -14.39
C HIS A 411 12.31 19.97 -15.19
N GLY A 412 12.74 21.10 -14.64
CA GLY A 412 13.51 22.05 -15.43
C GLY A 412 14.88 21.52 -15.79
N LEU A 413 15.27 21.72 -17.05
CA LEU A 413 16.56 21.29 -17.59
C LEU A 413 17.18 22.42 -18.38
N PRO A 414 18.50 22.42 -18.53
CA PRO A 414 19.15 23.46 -19.33
C PRO A 414 18.83 23.30 -20.80
N PRO A 415 19.00 24.35 -21.61
CA PRO A 415 18.71 24.21 -23.04
C PRO A 415 19.49 23.08 -23.70
N ALA A 416 18.84 22.46 -24.67
CA ALA A 416 19.42 21.33 -25.37
C ALA A 416 20.80 21.67 -25.93
N ARG A 417 21.76 20.77 -25.74
CA ARG A 417 23.08 20.93 -26.36
CA ARG A 417 23.07 20.94 -26.36
C ARG A 417 23.12 20.38 -27.77
N VAL A 418 22.37 19.30 -28.05
CA VAL A 418 22.26 18.72 -29.38
C VAL A 418 20.79 18.81 -29.80
N SER A 419 20.56 18.94 -31.10
CA SER A 419 19.20 19.11 -31.59
C SER A 419 18.33 17.92 -31.22
N LYS A 420 17.07 18.20 -30.89
CA LYS A 420 16.16 17.11 -30.56
C LYS A 420 15.84 16.29 -31.82
N LEU A 421 15.87 14.96 -31.65
CA LEU A 421 15.44 14.00 -32.66
C LEU A 421 14.23 13.25 -32.16
N TYR A 422 13.18 13.20 -32.97
CA TYR A 422 11.98 12.46 -32.64
C TYR A 422 11.75 11.26 -33.55
N ARG A 423 12.56 11.12 -34.61
CA ARG A 423 12.44 10.02 -35.56
C ARG A 423 13.81 9.38 -35.75
N LEU A 424 13.84 8.06 -35.92
CA LEU A 424 15.09 7.39 -36.23
C LEU A 424 15.59 7.85 -37.60
N PRO A 425 16.91 7.96 -37.78
CA PRO A 425 17.46 8.39 -39.09
C PRO A 425 17.14 7.37 -40.18
N TYR A 426 17.14 7.87 -41.42
CA TYR A 426 17.04 6.98 -42.56
C TYR A 426 18.20 5.99 -42.54
N GLY A 427 17.88 4.70 -42.69
CA GLY A 427 18.85 3.63 -42.63
C GLY A 427 19.12 3.06 -41.24
N SER A 428 18.49 3.59 -40.20
CA SER A 428 18.74 3.16 -38.83
C SER A 428 18.64 1.64 -38.67
N PRO A 429 19.70 0.96 -38.21
CA PRO A 429 19.60 -0.49 -37.97
C PRO A 429 18.68 -0.85 -36.83
N LEU A 430 18.46 0.09 -35.90
CA LEU A 430 17.43 -0.10 -34.89
C LEU A 430 16.06 -0.26 -35.53
N PHE A 431 15.71 0.65 -36.43
CA PHE A 431 14.44 0.53 -37.14
C PHE A 431 14.36 -0.78 -37.90
N MET A 432 15.43 -1.13 -38.63
CA MET A 432 15.41 -2.35 -39.42
C MET A 432 15.18 -3.57 -38.55
N ARG A 433 15.82 -3.63 -37.38
CA ARG A 433 15.58 -4.75 -36.47
C ARG A 433 14.14 -4.77 -35.99
N MET A 434 13.56 -3.60 -35.71
CA MET A 434 12.13 -3.53 -35.48
C MET A 434 11.39 -4.08 -36.69
N GLN A 435 11.78 -3.62 -37.88
CA GLN A 435 11.04 -3.91 -39.10
C GLN A 435 10.83 -5.40 -39.29
N ARG A 436 11.90 -6.19 -39.20
CA ARG A 436 11.79 -7.63 -39.35
C ARG A 436 10.74 -8.19 -38.37
N ALA A 437 10.85 -7.80 -37.10
CA ALA A 437 9.91 -8.29 -36.10
C ALA A 437 8.54 -7.62 -36.24
N ALA A 438 8.49 -6.30 -36.44
CA ALA A 438 7.24 -5.55 -36.35
C ALA A 438 6.23 -5.90 -37.44
N THR A 439 6.67 -6.53 -38.53
CA THR A 439 5.74 -7.02 -39.54
C THR A 439 5.44 -8.52 -39.39
N LYS A 440 6.33 -9.29 -38.76
CA LYS A 440 6.00 -10.64 -38.33
C LYS A 440 5.03 -10.66 -37.16
N GLU A 441 4.57 -9.48 -36.70
CA GLU A 441 3.51 -9.35 -35.70
C GLU A 441 2.15 -9.21 -36.36
N ALA A 442 1.99 -8.19 -37.22
CA ALA A 442 0.74 -7.99 -37.94
C ALA A 442 0.40 -9.16 -38.87
N LEU A 443 1.40 -9.92 -39.31
CA LEU A 443 1.14 -11.10 -40.14
C LEU A 443 0.51 -12.21 -39.31
N ARG A 444 1.11 -12.51 -38.14
CA ARG A 444 0.61 -13.59 -37.29
C ARG A 444 -0.79 -13.30 -36.76
N ARG A 445 -1.15 -12.03 -36.60
CA ARG A 445 -2.47 -11.63 -36.13
C ARG A 445 -3.47 -11.57 -37.26
N ARG A 446 -3.27 -12.35 -38.32
CA ARG A 446 -4.14 -12.29 -39.49
C ARG A 446 -4.31 -13.67 -40.13
N LEU B 11 -14.80 9.16 -11.38
CA LEU B 11 -15.16 8.84 -10.00
C LEU B 11 -16.18 7.71 -9.92
N PRO B 12 -16.12 6.91 -8.85
CA PRO B 12 -17.01 5.75 -8.74
C PRO B 12 -18.34 6.15 -8.11
N PRO B 13 -19.35 5.30 -8.18
CA PRO B 13 -20.60 5.57 -7.46
C PRO B 13 -20.29 5.79 -5.99
N PRO B 14 -21.02 6.70 -5.32
CA PRO B 14 -20.68 7.00 -3.93
C PRO B 14 -20.91 5.84 -2.97
N VAL B 15 -21.73 4.85 -3.33
CA VAL B 15 -22.07 3.76 -2.43
C VAL B 15 -21.71 2.45 -3.11
N ALA B 16 -21.00 1.58 -2.38
CA ALA B 16 -20.69 0.24 -2.84
C ALA B 16 -21.42 -0.75 -1.94
N ILE B 17 -22.25 -1.60 -2.53
CA ILE B 17 -22.95 -2.64 -1.79
C ILE B 17 -22.22 -3.95 -2.04
N ILE B 18 -21.58 -4.48 -1.00
CA ILE B 18 -20.71 -5.66 -1.12
C ILE B 18 -21.57 -6.89 -0.86
N VAL B 19 -21.80 -7.69 -1.90
CA VAL B 19 -22.60 -8.90 -1.76
C VAL B 19 -21.83 -10.15 -2.17
N GLY B 20 -21.09 -10.09 -3.27
CA GLY B 20 -20.31 -11.23 -3.73
C GLY B 20 -21.13 -12.26 -4.50
N HIS B 21 -20.43 -13.25 -5.05
CA HIS B 21 -21.07 -14.17 -5.98
C HIS B 21 -21.90 -15.25 -5.29
N ASN B 22 -21.53 -15.69 -4.10
CA ASN B 22 -22.30 -16.70 -3.38
C ASN B 22 -22.74 -16.12 -2.03
N ILE B 23 -23.97 -15.63 -1.97
CA ILE B 23 -24.40 -14.94 -0.76
C ILE B 23 -24.54 -15.86 0.43
N ASP B 24 -24.51 -17.17 0.23
CA ASP B 24 -24.48 -18.11 1.34
C ASP B 24 -23.08 -18.37 1.89
N ALA B 25 -22.04 -17.76 1.32
CA ALA B 25 -20.68 -18.05 1.76
C ALA B 25 -20.50 -17.73 3.23
N SER B 26 -20.99 -16.58 3.68
CA SER B 26 -20.83 -16.17 5.08
C SER B 26 -21.97 -16.63 5.98
N ALA B 27 -22.93 -17.41 5.46
CA ALA B 27 -24.11 -17.78 6.24
C ALA B 27 -23.75 -18.70 7.40
N MET B 28 -24.23 -18.37 8.60
CA MET B 28 -24.02 -19.17 9.80
C MET B 28 -25.17 -20.15 10.01
N PRO B 29 -24.92 -21.28 10.69
CA PRO B 29 -25.97 -22.31 10.81
C PRO B 29 -27.28 -21.81 11.38
N LEU B 30 -27.23 -20.97 12.40
CA LEU B 30 -28.45 -20.58 13.10
C LEU B 30 -29.24 -19.51 12.37
N THR B 31 -28.63 -18.79 11.45
CA THR B 31 -29.24 -17.70 10.69
C THR B 31 -29.06 -17.95 9.20
N TYR B 32 -29.31 -19.18 8.76
CA TYR B 32 -28.80 -19.61 7.46
C TYR B 32 -29.41 -18.81 6.33
N GLU B 33 -30.72 -18.58 6.36
CA GLU B 33 -31.45 -17.87 5.31
C GLU B 33 -31.27 -16.36 5.34
N ARG B 34 -30.75 -15.79 6.44
CA ARG B 34 -30.89 -14.36 6.65
C ARG B 34 -30.33 -13.55 5.48
N ASN B 35 -29.16 -13.94 4.96
CA ASN B 35 -28.55 -13.17 3.88
C ASN B 35 -29.48 -13.08 2.68
N ARG B 36 -30.25 -14.12 2.42
CA ARG B 36 -31.16 -14.08 1.28
C ARG B 36 -32.28 -13.07 1.51
N PHE B 37 -32.96 -13.14 2.66
CA PHE B 37 -33.97 -12.13 2.98
C PHE B 37 -33.41 -10.72 2.82
N VAL B 38 -32.20 -10.48 3.33
CA VAL B 38 -31.64 -9.13 3.31
C VAL B 38 -31.38 -8.68 1.88
N ILE B 39 -30.76 -9.53 1.06
CA ILE B 39 -30.46 -9.13 -0.32
C ILE B 39 -31.75 -8.96 -1.11
N ASP B 40 -32.72 -9.85 -0.92
CA ASP B 40 -34.04 -9.67 -1.53
C ASP B 40 -34.59 -8.29 -1.23
N MET B 41 -34.58 -7.89 0.05
CA MET B 41 -35.16 -6.61 0.43
C MET B 41 -34.37 -5.44 -0.15
N LEU B 42 -33.04 -5.53 -0.21
CA LEU B 42 -32.24 -4.50 -0.88
C LEU B 42 -32.61 -4.37 -2.34
N GLN B 43 -32.84 -5.50 -3.03
CA GLN B 43 -33.09 -5.45 -4.46
C GLN B 43 -34.46 -4.84 -4.77
N HIS B 44 -35.45 -5.06 -3.92
CA HIS B 44 -36.80 -4.64 -4.26
C HIS B 44 -37.27 -3.40 -3.51
N TYR B 45 -36.68 -3.06 -2.37
CA TYR B 45 -37.05 -1.87 -1.62
C TYR B 45 -36.04 -0.74 -1.73
N ALA B 46 -34.75 -1.03 -1.51
CA ALA B 46 -33.78 0.05 -1.41
C ALA B 46 -33.29 0.54 -2.78
N CYS B 47 -33.04 -0.36 -3.71
CA CYS B 47 -32.31 -0.04 -4.93
C CYS B 47 -33.13 0.51 -6.11
N PRO B 48 -34.38 0.05 -6.35
CA PRO B 48 -35.10 0.49 -7.58
C PRO B 48 -35.07 1.98 -7.86
N VAL B 49 -35.31 2.82 -6.85
CA VAL B 49 -35.41 4.25 -7.07
C VAL B 49 -34.13 4.83 -7.63
N PHE B 50 -32.98 4.26 -7.29
CA PHE B 50 -31.70 4.86 -7.61
C PHE B 50 -31.03 4.23 -8.82
N SER B 51 -31.71 3.32 -9.52
CA SER B 51 -31.12 2.63 -10.65
C SER B 51 -31.95 2.85 -11.92
N HIS B 52 -31.27 2.89 -13.06
CA HIS B 52 -31.91 3.23 -14.33
C HIS B 52 -31.70 2.15 -15.40
N VAL B 62 -27.86 -4.54 -13.58
CA VAL B 62 -28.22 -3.29 -12.94
C VAL B 62 -27.13 -2.24 -13.18
N SER B 63 -27.56 -0.99 -13.37
CA SER B 63 -26.64 0.13 -13.47
C SER B 63 -27.21 1.31 -12.69
N SER B 64 -26.32 2.06 -12.04
CA SER B 64 -26.72 3.19 -11.22
C SER B 64 -25.56 4.16 -11.09
N ASP B 65 -25.88 5.43 -10.92
CA ASP B 65 -24.90 6.47 -10.61
C ASP B 65 -24.75 6.67 -9.11
N VAL B 66 -25.52 5.97 -8.30
CA VAL B 66 -25.54 6.17 -6.86
C VAL B 66 -24.87 5.01 -6.13
N PHE B 67 -25.22 3.78 -6.50
CA PHE B 67 -24.59 2.61 -5.89
C PHE B 67 -23.92 1.74 -6.95
N GLU B 68 -23.15 0.78 -6.44
CA GLU B 68 -22.44 -0.19 -7.25
C GLU B 68 -22.58 -1.54 -6.56
N TRP B 69 -23.11 -2.52 -7.28
CA TRP B 69 -23.48 -3.82 -6.75
C TRP B 69 -22.28 -4.74 -6.92
N VAL B 70 -21.45 -4.85 -5.88
CA VAL B 70 -20.15 -5.50 -6.02
C VAL B 70 -20.32 -7.02 -5.93
N LEU B 71 -19.99 -7.72 -7.02
CA LEU B 71 -19.98 -9.18 -7.02
C LEU B 71 -18.59 -9.78 -7.22
N GLU B 72 -17.66 -9.03 -7.78
CA GLU B 72 -16.29 -9.45 -8.04
C GLU B 72 -15.41 -8.21 -7.96
N PRO B 73 -14.12 -8.35 -7.62
CA PRO B 73 -13.43 -9.58 -7.18
C PRO B 73 -13.27 -9.65 -5.65
N PHE B 74 -13.58 -10.82 -5.06
CA PHE B 74 -13.44 -11.02 -3.62
C PHE B 74 -12.05 -11.54 -3.31
N PRO B 75 -11.21 -10.76 -2.61
CA PRO B 75 -9.85 -11.23 -2.31
C PRO B 75 -9.84 -12.52 -1.51
N VAL B 76 -8.91 -13.39 -1.84
CA VAL B 76 -8.68 -14.62 -1.09
C VAL B 76 -7.88 -14.26 0.16
N VAL B 77 -8.43 -14.58 1.33
CA VAL B 77 -7.81 -14.23 2.60
C VAL B 77 -7.44 -15.49 3.36
N GLY B 78 -6.38 -15.40 4.13
CA GLY B 78 -5.97 -16.49 4.99
C GLY B 78 -5.47 -15.99 6.32
N VAL B 79 -4.66 -16.79 7.01
CA VAL B 79 -4.24 -16.41 8.35
C VAL B 79 -3.58 -15.02 8.35
N GLU B 80 -2.76 -14.73 7.33
CA GLU B 80 -1.98 -13.49 7.35
C GLU B 80 -2.83 -12.24 7.13
N ASP B 81 -4.05 -12.37 6.62
CA ASP B 81 -4.96 -11.22 6.52
C ASP B 81 -5.74 -10.96 7.79
N MET B 82 -5.46 -11.70 8.87
CA MET B 82 -6.19 -11.52 10.11
C MET B 82 -5.27 -11.34 11.29
N THR B 83 -3.96 -11.47 11.08
CA THR B 83 -2.97 -11.28 12.13
C THR B 83 -2.85 -9.83 12.57
N ALA B 84 -3.43 -8.90 11.81
CA ALA B 84 -3.47 -7.49 12.21
C ALA B 84 -4.11 -7.31 13.59
N PHE B 85 -4.91 -8.27 14.03
CA PHE B 85 -5.52 -8.25 15.34
C PHE B 85 -5.33 -9.57 16.06
N HIS B 86 -5.66 -10.69 15.40
CA HIS B 86 -5.71 -11.97 16.07
C HIS B 86 -4.34 -12.63 16.23
N ASP B 87 -4.20 -13.34 17.36
CA ASP B 87 -3.04 -14.18 17.63
C ASP B 87 -2.89 -15.25 16.54
N ARG B 88 -1.66 -15.45 16.06
CA ARG B 88 -1.45 -16.32 14.91
C ARG B 88 -1.75 -17.78 15.25
N ALA B 89 -1.38 -18.24 16.44
CA ALA B 89 -1.69 -19.61 16.82
C ALA B 89 -3.18 -19.87 16.80
N TYR B 90 -3.97 -18.87 17.21
CA TYR B 90 -5.43 -19.01 17.21
C TYR B 90 -5.99 -19.12 15.80
N LEU B 91 -5.53 -18.26 14.89
CA LEU B 91 -5.99 -18.34 13.51
C LEU B 91 -5.56 -19.64 12.85
N ASN B 92 -4.33 -20.09 13.15
CA ASN B 92 -3.88 -21.36 12.59
C ASN B 92 -4.80 -22.49 12.99
N TYR B 93 -5.12 -22.57 14.28
CA TYR B 93 -6.04 -23.57 14.78
C TYR B 93 -7.38 -23.51 14.04
N LEU B 94 -7.93 -22.30 13.90
CA LEU B 94 -9.15 -22.11 13.12
C LEU B 94 -9.00 -22.70 11.72
N SER B 95 -7.87 -22.43 11.05
CA SER B 95 -7.71 -22.79 9.65
C SER B 95 -7.53 -24.29 9.41
N ILE B 96 -7.21 -25.07 10.45
CA ILE B 96 -7.08 -26.52 10.33
C ILE B 96 -8.03 -27.27 11.24
N ARG B 97 -8.87 -26.58 12.01
CA ARG B 97 -9.71 -27.24 12.99
C ARG B 97 -10.58 -28.33 12.37
N GLU B 98 -11.04 -28.14 11.13
CA GLU B 98 -11.96 -29.12 10.55
C GLU B 98 -11.25 -30.41 10.17
N ALA B 99 -9.93 -30.47 10.25
CA ALA B 99 -9.23 -31.73 10.07
C ALA B 99 -8.91 -32.44 11.39
N LEU B 100 -9.27 -31.85 12.54
CA LEU B 100 -8.80 -32.38 13.80
C LEU B 100 -9.82 -33.26 14.51
N SER B 101 -11.02 -33.42 13.97
CA SER B 101 -11.96 -34.38 14.52
C SER B 101 -13.06 -34.62 13.50
N GLU B 102 -13.87 -35.62 13.78
CA GLU B 102 -14.94 -36.08 12.90
C GLU B 102 -16.22 -35.29 13.15
N VAL B 103 -17.14 -35.40 12.19
CA VAL B 103 -18.47 -34.83 12.38
C VAL B 103 -19.15 -35.55 13.52
N ASP B 104 -19.81 -34.79 14.39
CA ASP B 104 -20.61 -35.40 15.44
C ASP B 104 -21.86 -36.01 14.81
N GLU B 105 -21.92 -37.32 14.69
CA GLU B 105 -23.04 -37.92 14.00
C GLU B 105 -24.22 -38.22 14.91
N ARG B 106 -24.02 -38.26 16.23
CA ARG B 106 -25.16 -38.28 17.15
C ARG B 106 -25.81 -36.91 17.26
N ALA B 107 -25.09 -35.84 16.92
CA ALA B 107 -25.65 -34.50 17.01
C ALA B 107 -26.70 -34.27 15.94
N SER B 108 -26.44 -34.73 14.72
CA SER B 108 -27.31 -34.45 13.60
C SER B 108 -28.01 -35.74 13.19
N THR B 109 -29.34 -35.76 13.37
CA THR B 109 -30.16 -36.81 12.80
C THR B 109 -30.39 -36.65 11.30
N VAL B 110 -30.16 -35.46 10.76
CA VAL B 110 -30.36 -35.20 9.34
C VAL B 110 -29.01 -35.38 8.63
N LYS B 111 -28.93 -36.39 7.76
CA LYS B 111 -27.69 -36.85 7.19
C LYS B 111 -27.49 -36.30 5.79
N PRO B 112 -26.26 -36.34 5.27
CA PRO B 112 -26.06 -36.01 3.85
C PRO B 112 -26.97 -36.85 2.98
N PRO B 113 -27.52 -36.29 1.87
CA PRO B 113 -27.24 -34.97 1.31
C PRO B 113 -28.11 -33.80 1.79
N LEU B 114 -28.79 -33.92 2.94
CA LEU B 114 -29.75 -32.90 3.36
C LEU B 114 -29.25 -32.05 4.54
N ARG B 115 -27.93 -31.87 4.68
CA ARG B 115 -27.45 -31.02 5.76
C ARG B 115 -26.31 -30.13 5.27
N VAL B 116 -26.09 -29.04 6.00
CA VAL B 116 -24.99 -28.11 5.78
C VAL B 116 -24.47 -27.70 7.14
N LEU B 117 -23.18 -27.35 7.17
CA LEU B 117 -22.52 -26.85 8.37
C LEU B 117 -22.75 -27.66 9.65
N PRO B 118 -22.51 -28.97 9.62
CA PRO B 118 -22.72 -29.78 10.82
C PRO B 118 -21.60 -29.61 11.85
N ASP B 119 -21.98 -29.74 13.13
CA ASP B 119 -21.05 -29.64 14.25
C ASP B 119 -20.02 -30.77 14.22
N LEU B 120 -18.79 -30.42 14.62
CA LEU B 120 -17.71 -31.39 14.81
C LEU B 120 -17.73 -31.91 16.25
N VAL B 121 -17.08 -33.05 16.47
CA VAL B 121 -16.86 -33.54 17.84
C VAL B 121 -15.85 -32.66 18.55
N PRO B 122 -16.07 -32.24 19.80
CA PRO B 122 -15.12 -31.35 20.45
C PRO B 122 -13.84 -32.07 20.77
N ILE B 123 -12.76 -31.29 20.87
CA ILE B 123 -11.49 -31.84 21.33
C ILE B 123 -10.96 -30.92 22.42
N PRO B 124 -10.11 -31.42 23.32
CA PRO B 124 -9.68 -30.58 24.47
C PRO B 124 -9.10 -29.23 24.07
N ALA B 125 -8.46 -29.10 22.92
CA ALA B 125 -7.83 -27.84 22.55
C ALA B 125 -8.84 -26.74 22.22
N ASP B 126 -10.14 -27.08 22.09
CA ASP B 126 -11.17 -26.08 21.80
C ASP B 126 -11.33 -25.11 22.96
N GLU B 127 -11.09 -25.57 24.19
CA GLU B 127 -11.37 -24.74 25.36
C GLU B 127 -10.44 -23.53 25.42
N GLU B 128 -9.17 -23.71 25.10
CA GLU B 128 -8.23 -22.60 25.14
C GLU B 128 -8.69 -21.45 24.26
N TYR B 129 -9.33 -21.75 23.13
CA TYR B 129 -9.70 -20.72 22.19
C TYR B 129 -11.18 -20.37 22.26
N GLY B 130 -11.90 -20.87 23.26
CA GLY B 130 -13.31 -20.60 23.35
C GLY B 130 -14.15 -21.17 22.24
N LEU B 131 -13.66 -22.19 21.54
CA LEU B 131 -14.44 -22.91 20.53
C LEU B 131 -15.34 -23.95 21.20
N VAL B 132 -16.20 -23.46 22.08
CA VAL B 132 -17.10 -24.29 22.88
C VAL B 132 -18.48 -23.64 22.90
N ASN B 133 -19.46 -24.40 23.42
CA ASN B 133 -20.85 -23.92 23.49
C ASN B 133 -21.31 -23.34 22.16
N GLU B 134 -21.73 -22.07 22.13
CA GLU B 134 -22.28 -21.57 20.88
C GLU B 134 -21.21 -21.37 19.81
N ASN B 135 -19.93 -21.44 20.17
CA ASN B 135 -18.87 -21.37 19.16
C ASN B 135 -18.25 -22.72 18.82
N MET B 136 -18.95 -23.82 19.12
CA MET B 136 -18.59 -25.17 18.68
C MET B 136 -18.17 -25.16 17.22
N PRO B 137 -17.02 -25.76 16.87
CA PRO B 137 -16.60 -25.77 15.46
C PRO B 137 -17.51 -26.65 14.61
N PHE B 138 -17.59 -26.32 13.32
CA PHE B 138 -18.45 -27.02 12.37
C PHE B 138 -17.80 -27.11 11.01
N VAL B 139 -18.21 -28.11 10.23
CA VAL B 139 -17.68 -28.26 8.87
C VAL B 139 -18.06 -27.02 8.05
N GLY B 140 -17.06 -26.43 7.41
CA GLY B 140 -17.25 -25.19 6.68
C GLY B 140 -16.95 -23.93 7.48
N MET B 141 -16.52 -24.05 8.74
CA MET B 141 -16.31 -22.89 9.59
C MET B 141 -15.27 -21.94 9.00
N TRP B 142 -14.13 -22.49 8.56
CA TRP B 142 -13.06 -21.64 8.06
C TRP B 142 -13.47 -20.92 6.78
N ARG B 143 -14.26 -21.58 5.91
CA ARG B 143 -14.70 -20.92 4.69
C ARG B 143 -15.69 -19.81 4.97
N THR B 144 -16.57 -19.97 5.98
CA THR B 144 -17.45 -18.86 6.30
C THR B 144 -16.68 -17.71 6.94
N ILE B 145 -15.66 -18.01 7.76
CA ILE B 145 -14.81 -16.96 8.30
C ILE B 145 -14.13 -16.18 7.16
N GLN B 146 -13.50 -16.89 6.23
CA GLN B 146 -12.85 -16.20 5.12
C GLN B 146 -13.83 -15.32 4.37
N ALA B 147 -15.03 -15.84 4.08
CA ALA B 147 -16.02 -15.07 3.34
C ALA B 147 -16.37 -13.76 4.06
N THR B 148 -16.59 -13.84 5.38
CA THR B 148 -16.95 -12.65 6.14
C THR B 148 -15.83 -11.63 6.16
N VAL B 149 -14.61 -12.07 6.49
CA VAL B 149 -13.46 -11.17 6.56
C VAL B 149 -13.16 -10.55 5.21
N SER B 150 -13.17 -11.37 4.15
CA SER B 150 -12.88 -10.87 2.81
C SER B 150 -13.89 -9.79 2.41
N GLY B 151 -15.19 -10.06 2.60
CA GLY B 151 -16.19 -9.05 2.29
C GLY B 151 -15.94 -7.75 3.03
N THR B 152 -15.60 -7.85 4.32
CA THR B 152 -15.37 -6.65 5.09
C THR B 152 -14.06 -5.96 4.68
N LEU B 153 -13.02 -6.74 4.37
CA LEU B 153 -11.78 -6.11 3.94
C LEU B 153 -11.97 -5.42 2.59
N LEU B 154 -12.70 -6.07 1.67
CA LEU B 154 -13.03 -5.44 0.39
C LEU B 154 -13.85 -4.16 0.59
N ALA B 155 -14.81 -4.17 1.51
CA ALA B 155 -15.61 -2.98 1.73
C ALA B 155 -14.76 -1.82 2.25
N ALA B 156 -13.80 -2.11 3.12
CA ALA B 156 -12.94 -1.05 3.65
C ALA B 156 -12.00 -0.51 2.57
N ARG B 157 -11.52 -1.38 1.69
CA ARG B 157 -10.67 -0.92 0.59
C ARG B 157 -11.45 -0.08 -0.40
N LEU B 158 -12.68 -0.49 -0.74
CA LEU B 158 -13.49 0.32 -1.65
C LEU B 158 -13.90 1.64 -0.99
N LEU B 159 -14.10 1.64 0.33
CA LEU B 159 -14.48 2.87 1.01
C LEU B 159 -13.35 3.89 1.02
N ALA B 160 -12.09 3.45 0.96
CA ALA B 160 -10.98 4.38 1.02
C ALA B 160 -10.70 5.08 -0.31
N GLN B 161 -11.27 4.61 -1.41
CA GLN B 161 -11.08 5.29 -2.69
C GLN B 161 -11.73 6.67 -2.66
N PRO B 162 -11.20 7.62 -3.43
CA PRO B 162 -11.76 8.99 -3.41
C PRO B 162 -13.13 9.05 -4.06
N GLY B 163 -14.02 9.82 -3.45
CA GLY B 163 -15.38 9.94 -3.95
C GLY B 163 -16.34 8.87 -3.48
N ARG B 164 -15.90 7.92 -2.65
CA ARG B 164 -16.78 6.93 -2.07
C ARG B 164 -17.35 7.47 -0.76
N PHE B 165 -18.68 7.42 -0.64
CA PHE B 165 -19.30 7.84 0.61
C PHE B 165 -19.47 6.69 1.58
N ALA B 166 -20.03 5.57 1.12
CA ALA B 166 -20.32 4.46 2.01
C ALA B 166 -19.99 3.14 1.33
N ALA B 167 -19.55 2.19 2.14
CA ALA B 167 -19.49 0.78 1.77
C ALA B 167 -20.40 0.03 2.72
N ILE B 168 -21.20 -0.88 2.19
CA ILE B 168 -22.21 -1.60 2.98
C ILE B 168 -21.91 -3.09 2.87
N HIS B 169 -21.54 -3.71 3.98
CA HIS B 169 -21.36 -5.17 4.04
C HIS B 169 -22.30 -5.73 5.10
N TRP B 170 -23.54 -6.04 4.72
CA TRP B 170 -24.52 -6.54 5.68
C TRP B 170 -24.15 -7.90 6.27
N PHE B 171 -23.28 -8.68 5.63
CA PHE B 171 -22.86 -9.98 6.10
C PHE B 171 -21.70 -9.91 7.09
N GLY B 172 -21.06 -8.76 7.23
CA GLY B 172 -20.00 -8.60 8.20
C GLY B 172 -20.55 -8.29 9.59
N GLY B 173 -19.63 -8.07 10.52
CA GLY B 173 -20.00 -7.53 11.82
C GLY B 173 -19.87 -8.50 12.98
N ARG B 174 -18.89 -9.40 12.92
CA ARG B 174 -18.65 -10.34 14.01
C ARG B 174 -17.86 -9.66 15.14
N HIS B 175 -18.56 -8.86 15.94
CA HIS B 175 -17.93 -7.94 16.88
C HIS B 175 -17.56 -8.55 18.22
N HIS B 176 -17.88 -9.82 18.48
CA HIS B 176 -17.57 -10.41 19.79
C HIS B 176 -16.22 -11.08 19.89
N ALA B 177 -15.57 -11.39 18.76
CA ALA B 177 -14.35 -12.17 18.78
C ALA B 177 -13.21 -11.35 19.37
N LYS B 178 -12.33 -12.01 20.11
CA LYS B 178 -11.21 -11.37 20.78
C LYS B 178 -9.89 -11.81 20.14
N LYS B 179 -8.78 -11.29 20.68
CA LYS B 179 -7.46 -11.54 20.08
C LYS B 179 -7.22 -13.02 19.82
N SER B 180 -7.56 -13.87 20.79
CA SER B 180 -7.34 -15.30 20.66
C SER B 180 -8.46 -16.11 21.29
N THR B 181 -9.70 -15.61 21.26
CA THR B 181 -10.83 -16.42 21.69
C THR B 181 -12.03 -16.05 20.86
N ALA B 182 -12.82 -17.07 20.53
CA ALA B 182 -14.10 -16.88 19.89
C ALA B 182 -15.13 -16.49 20.94
N GLY B 183 -16.29 -16.02 20.48
CA GLY B 183 -17.38 -15.70 21.38
C GLY B 183 -18.62 -15.26 20.62
N GLY B 184 -19.81 -15.54 21.17
CA GLY B 184 -21.07 -15.14 20.55
C GLY B 184 -21.18 -15.34 19.05
N PHE B 185 -20.82 -16.54 18.58
CA PHE B 185 -20.77 -16.93 17.17
C PHE B 185 -19.72 -16.19 16.34
N CYS B 186 -18.80 -15.47 16.98
CA CYS B 186 -17.78 -14.73 16.25
C CYS B 186 -16.44 -15.44 16.45
N PHE B 187 -15.76 -15.73 15.35
CA PHE B 187 -14.44 -16.36 15.37
C PHE B 187 -13.34 -15.37 15.00
N ALA B 188 -13.49 -14.66 13.90
CA ALA B 188 -12.58 -13.59 13.54
C ALA B 188 -13.35 -12.29 13.58
N ASN B 189 -12.73 -11.26 14.12
CA ASN B 189 -13.39 -9.98 14.34
C ASN B 189 -13.19 -9.10 13.12
N ASP B 190 -14.10 -9.20 12.15
CA ASP B 190 -14.01 -8.38 10.96
C ASP B 190 -14.28 -6.91 11.22
N VAL B 191 -15.03 -6.57 12.28
CA VAL B 191 -15.15 -5.15 12.64
C VAL B 191 -13.76 -4.58 12.91
N VAL B 192 -12.99 -5.23 13.78
CA VAL B 192 -11.68 -4.71 14.11
C VAL B 192 -10.77 -4.74 12.88
N LEU B 193 -10.76 -5.87 12.16
CA LEU B 193 -9.98 -5.93 10.94
C LEU B 193 -10.47 -4.88 9.93
N GLY B 194 -11.77 -4.58 9.94
CA GLY B 194 -12.30 -3.56 9.06
C GLY B 194 -11.75 -2.18 9.34
N VAL B 195 -11.69 -1.79 10.62
CA VAL B 195 -11.25 -0.41 10.86
C VAL B 195 -9.74 -0.29 10.69
N LEU B 196 -8.97 -1.35 11.01
CA LEU B 196 -7.53 -1.31 10.78
C LEU B 196 -7.21 -1.19 9.30
N GLU B 197 -7.90 -1.96 8.46
CA GLU B 197 -7.76 -1.83 7.01
C GLU B 197 -8.13 -0.44 6.55
N LEU B 198 -9.20 0.14 7.12
CA LEU B 198 -9.61 1.49 6.78
C LEU B 198 -8.59 2.51 7.27
N LYS B 199 -8.15 2.36 8.52
CA LYS B 199 -7.31 3.39 9.14
C LYS B 199 -6.00 3.56 8.38
N LYS B 200 -5.35 2.45 8.02
CA LYS B 200 -4.07 2.56 7.34
C LYS B 200 -4.20 3.10 5.92
N LEU B 201 -5.39 3.00 5.30
CA LEU B 201 -5.59 3.48 3.93
C LEU B 201 -6.09 4.90 3.86
N LEU B 202 -6.33 5.55 4.99
CA LEU B 202 -6.77 6.94 5.06
C LEU B 202 -5.59 7.86 5.35
N SER B 203 -5.72 9.12 4.93
CA SER B 203 -4.65 10.11 5.08
C SER B 203 -4.17 10.17 6.53
N SER B 204 -2.86 10.39 6.69
CA SER B 204 -2.24 10.24 8.01
C SER B 204 -2.64 11.35 8.98
N ASP B 205 -3.06 12.51 8.48
CA ASP B 205 -3.40 13.64 9.34
C ASP B 205 -4.90 13.73 9.65
N LYS B 206 -5.71 12.82 9.12
CA LYS B 206 -7.14 12.83 9.37
C LYS B 206 -7.61 11.37 9.32
N ASN B 207 -7.46 10.67 10.45
CA ASN B 207 -7.83 9.25 10.44
C ASN B 207 -8.48 8.78 11.73
N GLY B 208 -9.09 9.67 12.52
CA GLY B 208 -9.90 9.21 13.64
C GLY B 208 -11.09 8.37 13.15
N ILE B 209 -11.43 7.34 13.92
CA ILE B 209 -12.53 6.44 13.58
C ILE B 209 -13.52 6.42 14.72
N LEU B 210 -14.80 6.53 14.39
CA LEU B 210 -15.88 6.32 15.36
C LEU B 210 -16.56 5.01 15.01
N VAL B 211 -16.69 4.12 15.99
CA VAL B 211 -17.34 2.84 15.79
C VAL B 211 -18.58 2.82 16.67
N VAL B 212 -19.76 2.83 16.04
CA VAL B 212 -21.04 2.85 16.74
C VAL B 212 -21.68 1.48 16.55
N ASP B 213 -21.90 0.78 17.65
CA ASP B 213 -22.37 -0.61 17.68
C ASP B 213 -23.76 -0.64 18.29
N VAL B 214 -24.79 -0.74 17.44
CA VAL B 214 -26.16 -0.73 17.91
C VAL B 214 -26.77 -2.14 17.89
N ASP B 215 -25.93 -3.16 17.86
CA ASP B 215 -26.40 -4.51 18.12
C ASP B 215 -26.91 -4.59 19.56
N ALA B 216 -27.82 -5.54 19.83
CA ALA B 216 -28.36 -5.66 21.19
C ALA B 216 -27.34 -6.09 22.23
N HIS B 217 -26.15 -6.55 21.83
CA HIS B 217 -25.16 -7.06 22.76
C HIS B 217 -23.91 -6.19 22.74
N HIS B 218 -23.25 -6.14 23.91
CA HIS B 218 -22.06 -5.32 24.05
C HIS B 218 -21.01 -5.73 23.04
N GLY B 219 -20.51 -4.76 22.28
CA GLY B 219 -19.43 -5.05 21.35
C GLY B 219 -18.10 -5.23 22.07
N ASP B 220 -17.97 -6.31 22.83
CA ASP B 220 -16.81 -6.44 23.73
C ASP B 220 -15.51 -6.69 22.95
N GLY B 221 -15.59 -7.44 21.85
CA GLY B 221 -14.38 -7.70 21.07
C GLY B 221 -13.79 -6.42 20.50
N THR B 222 -14.62 -5.63 19.83
CA THR B 222 -14.16 -4.35 19.30
C THR B 222 -13.61 -3.46 20.41
N GLN B 223 -14.32 -3.38 21.53
CA GLN B 223 -13.86 -2.52 22.62
C GLN B 223 -12.47 -2.90 23.08
N SER B 224 -12.20 -4.20 23.23
CA SER B 224 -10.91 -4.62 23.76
C SER B 224 -9.78 -4.33 22.78
N ALA B 225 -10.05 -4.42 21.47
CA ALA B 225 -9.02 -4.14 20.49
C ALA B 225 -8.52 -2.70 20.60
N PHE B 226 -9.33 -1.79 21.12
CA PHE B 226 -8.97 -0.38 21.10
C PHE B 226 -9.01 0.25 22.48
N LEU B 227 -8.98 -0.56 23.54
CA LEU B 227 -9.18 -0.05 24.89
C LEU B 227 -8.16 1.02 25.26
N HIS B 228 -6.95 0.95 24.71
CA HIS B 228 -5.88 1.89 25.02
C HIS B 228 -5.68 2.93 23.94
N ASP B 229 -6.52 2.95 22.92
CA ASP B 229 -6.33 3.83 21.78
C ASP B 229 -7.27 5.04 21.89
N ASN B 230 -6.78 6.18 21.41
CA ASN B 230 -7.62 7.37 21.38
C ASN B 230 -7.91 7.86 19.97
N SER B 231 -7.45 7.14 18.95
CA SER B 231 -7.85 7.44 17.58
C SER B 231 -9.09 6.66 17.15
N VAL B 232 -9.42 5.57 17.83
CA VAL B 232 -10.64 4.80 17.57
C VAL B 232 -11.51 4.90 18.81
N LEU B 233 -12.66 5.56 18.68
CA LEU B 233 -13.65 5.63 19.75
C LEU B 233 -14.74 4.60 19.49
N THR B 234 -14.89 3.62 20.38
CA THR B 234 -15.94 2.61 20.27
C THR B 234 -17.11 2.98 21.17
N LEU B 235 -18.30 3.10 20.58
CA LEU B 235 -19.54 3.38 21.29
C LEU B 235 -20.48 2.20 21.12
N SER B 236 -20.88 1.57 22.22
CA SER B 236 -21.81 0.44 22.17
C SER B 236 -23.07 0.72 22.98
N MET B 237 -24.22 0.60 22.32
CA MET B 237 -25.52 0.49 22.96
C MET B 237 -25.88 -0.98 23.11
N HIS B 238 -26.45 -1.36 24.25
CA HIS B 238 -26.70 -2.80 24.41
C HIS B 238 -27.50 -3.04 25.67
N ALA B 239 -28.25 -4.14 25.67
CA ALA B 239 -28.91 -4.60 26.87
C ALA B 239 -27.86 -4.99 27.91
N HIS B 240 -28.19 -4.77 29.18
CA HIS B 240 -27.25 -5.05 30.27
C HIS B 240 -28.04 -5.49 31.49
N GLY B 241 -27.58 -6.55 32.13
CA GLY B 241 -28.28 -7.09 33.28
C GLY B 241 -27.87 -8.52 33.53
N VAL B 242 -28.28 -9.01 34.70
CA VAL B 242 -27.95 -10.36 35.14
C VAL B 242 -28.36 -11.37 34.07
N GLY B 243 -27.39 -12.16 33.60
CA GLY B 243 -27.66 -13.17 32.60
C GLY B 243 -27.91 -12.69 31.18
N ILE B 244 -27.61 -11.42 30.87
CA ILE B 244 -27.65 -10.93 29.50
C ILE B 244 -26.26 -11.04 28.91
N PHE B 245 -26.15 -11.66 27.74
CA PHE B 245 -24.84 -11.88 27.12
C PHE B 245 -24.23 -10.55 26.65
N PRO B 246 -22.92 -10.37 26.78
CA PRO B 246 -21.91 -11.26 27.38
C PRO B 246 -21.57 -10.89 28.82
N GLY B 247 -22.23 -9.90 29.41
CA GLY B 247 -22.07 -9.59 30.82
C GLY B 247 -21.24 -8.34 31.10
N THR B 248 -20.45 -7.89 30.13
CA THR B 248 -19.63 -6.69 30.27
C THR B 248 -20.37 -5.47 29.70
N GLY B 249 -19.67 -4.35 29.59
CA GLY B 249 -20.25 -3.18 28.95
C GLY B 249 -20.94 -2.24 29.91
N GLY B 250 -20.56 -2.30 31.19
CA GLY B 250 -21.11 -1.40 32.17
C GLY B 250 -20.67 0.04 31.97
N ILE B 251 -21.35 0.89 32.71
CA ILE B 251 -21.16 2.33 32.61
C ILE B 251 -19.73 2.74 32.99
N GLU B 252 -19.06 1.93 33.81
CA GLU B 252 -17.72 2.24 34.28
C GLU B 252 -16.62 1.87 33.29
N GLU B 253 -16.92 1.15 32.23
CA GLU B 253 -15.91 0.81 31.21
C GLU B 253 -15.74 2.04 30.32
N ILE B 254 -14.73 2.85 30.61
CA ILE B 254 -14.50 4.10 29.89
C ILE B 254 -13.16 4.14 29.18
N GLY B 255 -12.39 3.04 29.19
CA GLY B 255 -11.14 2.95 28.48
C GLY B 255 -9.95 3.13 29.41
N ALA B 256 -8.75 2.94 28.84
CA ALA B 256 -7.55 2.76 29.65
C ALA B 256 -6.38 3.55 29.07
N GLY B 257 -5.59 4.16 29.95
CA GLY B 257 -4.36 4.83 29.51
C GLY B 257 -4.72 6.05 28.66
N LEU B 258 -4.07 6.17 27.50
CA LEU B 258 -4.45 7.20 26.56
C LEU B 258 -5.87 7.01 26.06
N GLY B 259 -6.40 5.78 26.11
CA GLY B 259 -7.76 5.51 25.70
C GLY B 259 -8.83 5.95 26.69
N ARG B 260 -8.43 6.42 27.87
CA ARG B 260 -9.41 6.85 28.86
C ARG B 260 -10.32 7.92 28.28
N GLY B 261 -11.64 7.67 28.34
CA GLY B 261 -12.61 8.53 27.70
C GLY B 261 -12.94 8.18 26.26
N PHE B 262 -12.30 7.18 25.66
CA PHE B 262 -12.53 6.87 24.26
C PHE B 262 -13.22 5.53 24.07
N THR B 263 -13.75 4.98 25.15
CA THR B 263 -14.65 3.85 25.14
C THR B 263 -15.93 4.33 25.81
N MET B 264 -17.07 4.17 25.12
CA MET B 264 -18.34 4.62 25.64
C MET B 264 -19.35 3.49 25.57
N ASN B 265 -20.13 3.35 26.63
CA ASN B 265 -21.10 2.29 26.74
C ASN B 265 -22.43 2.86 27.16
N VAL B 266 -23.50 2.45 26.48
CA VAL B 266 -24.84 2.88 26.85
C VAL B 266 -25.61 1.62 27.23
N PRO B 267 -25.40 1.10 28.43
CA PRO B 267 -26.08 -0.15 28.81
C PRO B 267 -27.55 0.10 29.08
N LEU B 268 -28.40 -0.73 28.49
CA LEU B 268 -29.84 -0.48 28.62
C LEU B 268 -30.49 -1.54 29.49
N PRO B 269 -31.53 -1.17 30.25
CA PRO B 269 -32.33 -2.18 30.96
C PRO B 269 -33.04 -3.09 29.97
N GLU B 270 -33.14 -4.36 30.34
CA GLU B 270 -33.88 -5.33 29.55
C GLU B 270 -35.27 -4.81 29.21
N GLY B 271 -35.59 -4.79 27.93
CA GLY B 271 -36.89 -4.36 27.48
C GLY B 271 -37.01 -2.92 27.06
N ALA B 272 -35.93 -2.14 27.14
CA ALA B 272 -35.98 -0.71 26.82
C ALA B 272 -36.50 -0.47 25.40
N THR B 273 -37.28 0.60 25.24
CA THR B 273 -37.88 1.02 23.97
C THR B 273 -37.15 2.25 23.43
N ASP B 274 -37.64 2.74 22.28
CA ASP B 274 -36.97 3.85 21.60
C ASP B 274 -36.78 5.05 22.51
N ILE B 275 -37.78 5.36 23.34
CA ILE B 275 -37.75 6.61 24.10
C ILE B 275 -36.53 6.64 25.01
N LEU B 276 -36.04 5.46 25.43
CA LEU B 276 -34.76 5.38 26.15
C LEU B 276 -33.58 5.29 25.18
N ALA B 277 -33.56 4.24 24.35
CA ALA B 277 -32.38 3.95 23.55
C ALA B 277 -32.03 5.10 22.59
N VAL B 278 -33.04 5.64 21.90
CA VAL B 278 -32.76 6.69 20.93
C VAL B 278 -32.27 7.93 21.64
N THR B 279 -32.97 8.37 22.68
CA THR B 279 -32.59 9.58 23.38
C THR B 279 -31.18 9.47 23.91
N LEU B 280 -30.85 8.33 24.53
CA LEU B 280 -29.53 8.17 25.13
C LEU B 280 -28.45 8.02 24.06
N MET B 281 -28.79 7.37 22.93
CA MET B 281 -27.80 7.24 21.88
C MET B 281 -27.52 8.58 21.21
N TYR B 282 -28.56 9.42 21.02
CA TYR B 282 -28.33 10.77 20.52
C TYR B 282 -27.37 11.54 21.42
N ARG B 283 -27.56 11.43 22.73
CA ARG B 283 -26.69 12.13 23.66
C ARG B 283 -25.24 11.65 23.53
N SER B 284 -25.04 10.33 23.50
CA SER B 284 -23.68 9.79 23.46
C SER B 284 -23.02 10.02 22.11
N ILE B 285 -23.80 9.94 21.02
CA ILE B 285 -23.21 10.22 19.71
C ILE B 285 -22.70 11.66 19.64
N HIS B 286 -23.40 12.62 20.26
CA HIS B 286 -22.95 14.01 20.24
C HIS B 286 -21.72 14.21 21.11
N PHE B 287 -21.67 13.58 22.29
CA PHE B 287 -20.42 13.58 23.05
C PHE B 287 -19.27 12.98 22.21
N ALA B 288 -19.51 11.83 21.57
CA ALA B 288 -18.42 11.15 20.86
C ALA B 288 -17.87 12.02 19.74
N PHE B 289 -18.75 12.60 18.92
CA PHE B 289 -18.31 13.58 17.93
C PHE B 289 -17.42 14.65 18.55
N LYS B 290 -17.80 15.13 19.74
CA LYS B 290 -17.02 16.20 20.36
C LYS B 290 -15.67 15.69 20.84
N LYS B 291 -15.60 14.45 21.36
CA LYS B 291 -14.31 13.90 21.81
C LYS B 291 -13.34 13.66 20.66
N LEU B 292 -13.85 13.35 19.47
CA LEU B 292 -12.98 13.08 18.34
C LEU B 292 -12.63 14.32 17.54
N GLY B 293 -13.37 15.41 17.73
CA GLY B 293 -13.02 16.68 17.10
C GLY B 293 -12.86 16.55 15.61
N GLU B 294 -11.99 17.41 15.04
CA GLU B 294 -11.89 17.52 13.60
C GLU B 294 -11.02 16.44 12.96
N GLY B 295 -10.28 15.66 13.75
CA GLY B 295 -9.51 14.57 13.20
C GLY B 295 -10.32 13.36 12.76
N LEU B 296 -11.64 13.39 12.95
CA LEU B 296 -12.49 12.24 12.63
C LEU B 296 -12.68 12.10 11.13
N ALA B 297 -12.46 10.88 10.62
CA ALA B 297 -12.50 10.64 9.19
C ALA B 297 -13.56 9.64 8.73
N ALA B 298 -13.94 8.69 9.58
CA ALA B 298 -14.92 7.70 9.16
C ALA B 298 -15.71 7.21 10.37
N ILE B 299 -16.96 6.83 10.11
CA ILE B 299 -17.81 6.14 11.07
C ILE B 299 -18.00 4.70 10.59
N VAL B 300 -17.71 3.74 11.45
CA VAL B 300 -18.05 2.34 11.20
C VAL B 300 -19.30 2.06 12.01
N ILE B 301 -20.36 1.59 11.34
CA ILE B 301 -21.65 1.34 11.97
C ILE B 301 -21.88 -0.18 12.00
N VAL B 302 -22.04 -0.73 13.20
CA VAL B 302 -22.30 -2.14 13.40
C VAL B 302 -23.77 -2.24 13.70
N CYS B 303 -24.55 -2.64 12.71
CA CYS B 303 -26.00 -2.47 12.79
C CYS B 303 -26.62 -3.84 12.87
N GLY B 304 -26.73 -4.38 14.10
CA GLY B 304 -27.46 -5.60 14.29
C GLY B 304 -28.95 -5.32 14.26
N SER B 305 -29.76 -6.37 14.12
CA SER B 305 -31.20 -6.20 14.17
C SER B 305 -31.80 -6.94 15.36
N ASP B 306 -30.97 -7.54 16.20
CA ASP B 306 -31.49 -8.18 17.38
C ASP B 306 -31.86 -7.20 18.49
N ALA B 307 -31.57 -5.89 18.32
CA ALA B 307 -32.11 -4.91 19.25
C ALA B 307 -33.61 -4.68 19.05
N LEU B 308 -34.17 -5.09 17.91
CA LEU B 308 -35.56 -4.80 17.61
C LEU B 308 -36.51 -5.66 18.45
N SER B 309 -37.66 -5.07 18.78
CA SER B 309 -38.71 -5.78 19.52
C SER B 309 -39.02 -7.12 18.86
N GLY B 310 -39.39 -8.11 19.67
CA GLY B 310 -39.70 -9.42 19.16
C GLY B 310 -38.50 -10.29 18.79
N ASP B 311 -37.28 -9.83 19.05
CA ASP B 311 -36.15 -10.71 18.77
C ASP B 311 -35.98 -11.72 19.91
N PRO B 312 -35.71 -13.00 19.59
CA PRO B 312 -35.66 -14.01 20.65
C PRO B 312 -34.41 -14.01 21.49
N LEU B 313 -33.31 -13.39 21.04
CA LEU B 313 -32.10 -13.34 21.84
C LEU B 313 -31.77 -11.94 22.34
N GLY B 314 -32.05 -10.94 21.53
CA GLY B 314 -32.08 -9.59 22.06
C GLY B 314 -33.08 -9.50 23.19
N ALA B 315 -32.76 -8.69 24.17
CA ALA B 315 -33.72 -8.42 25.24
C ALA B 315 -34.09 -6.95 25.27
N LEU B 316 -34.32 -6.37 24.08
CA LEU B 316 -34.69 -4.96 23.93
C LEU B 316 -36.00 -4.86 23.13
N ASN B 317 -36.45 -3.63 22.89
CA ASN B 317 -37.73 -3.39 22.22
C ASN B 317 -37.64 -2.17 21.31
N LEU B 318 -36.53 -1.99 20.60
CA LEU B 318 -36.50 -0.87 19.67
C LEU B 318 -37.44 -1.10 18.50
N THR B 319 -37.84 -0.02 17.85
CA THR B 319 -38.60 -0.12 16.60
C THR B 319 -37.66 0.08 15.43
N VAL B 320 -38.10 -0.37 14.25
CA VAL B 320 -37.35 -0.10 13.02
C VAL B 320 -37.07 1.39 12.90
N GLY B 321 -38.11 2.21 13.12
CA GLY B 321 -37.96 3.66 13.04
C GLY B 321 -37.01 4.21 14.08
N GLY B 322 -36.98 3.62 15.27
CA GLY B 322 -36.00 4.01 16.26
C GLY B 322 -34.57 3.78 15.80
N MET B 323 -34.28 2.57 15.31
CA MET B 323 -32.90 2.31 14.88
C MET B 323 -32.56 3.11 13.65
N GLN B 324 -33.53 3.31 12.75
CA GLN B 324 -33.28 4.16 11.59
C GLN B 324 -32.91 5.57 12.00
N SER B 325 -33.53 6.06 13.07
CA SER B 325 -33.30 7.42 13.54
C SER B 325 -31.89 7.61 14.08
N ILE B 326 -31.40 6.65 14.89
CA ILE B 326 -30.00 6.69 15.34
C ILE B 326 -29.04 6.71 14.15
N ILE B 327 -29.28 5.85 13.17
CA ILE B 327 -28.34 5.78 12.06
C ILE B 327 -28.40 7.05 11.20
N ARG B 328 -29.61 7.60 10.98
CA ARG B 328 -29.74 8.88 10.26
C ARG B 328 -28.88 9.98 10.87
N LEU B 329 -28.85 10.05 12.20
CA LEU B 329 -27.97 11.00 12.87
C LEU B 329 -26.53 10.85 12.39
N LEU B 330 -26.03 9.61 12.37
CA LEU B 330 -24.66 9.35 11.90
C LEU B 330 -24.52 9.68 10.42
N LEU B 331 -25.47 9.26 9.60
CA LEU B 331 -25.39 9.55 8.17
C LEU B 331 -25.44 11.04 7.90
N LYS B 332 -26.20 11.78 8.72
CA LYS B 332 -26.27 13.23 8.55
C LYS B 332 -24.91 13.86 8.81
N GLU B 333 -24.24 13.45 9.90
CA GLU B 333 -22.95 14.04 10.23
C GLU B 333 -21.89 13.67 9.20
N ALA B 334 -21.94 12.44 8.68
CA ALA B 334 -20.99 12.03 7.66
C ALA B 334 -21.22 12.80 6.36
N ALA B 335 -22.48 12.92 5.93
CA ALA B 335 -22.76 13.69 4.73
C ALA B 335 -22.33 15.14 4.89
N ARG B 336 -22.57 15.71 6.07
CA ARG B 336 -22.32 17.13 6.29
C ARG B 336 -20.82 17.43 6.31
N ARG B 337 -20.03 16.57 6.94
CA ARG B 337 -18.58 16.75 7.02
C ARG B 337 -17.84 15.94 5.96
N SER B 338 -18.56 15.34 5.02
CA SER B 338 -18.01 14.48 3.96
C SER B 338 -17.09 13.39 4.51
N LEU B 339 -17.54 12.73 5.58
CA LEU B 339 -16.85 11.59 6.13
C LEU B 339 -17.15 10.33 5.31
N LYS B 340 -16.50 9.23 5.69
CA LYS B 340 -16.76 7.95 5.06
C LYS B 340 -17.51 7.04 6.04
N VAL B 341 -18.42 6.23 5.53
CA VAL B 341 -19.26 5.36 6.34
C VAL B 341 -19.05 3.91 5.91
N LEU B 342 -18.60 3.07 6.84
CA LEU B 342 -18.59 1.63 6.65
C LEU B 342 -19.76 1.05 7.43
N LEU B 343 -20.67 0.37 6.76
CA LEU B 343 -21.86 -0.19 7.39
C LEU B 343 -21.77 -1.72 7.38
N LEU B 344 -21.85 -2.32 8.56
CA LEU B 344 -21.80 -3.77 8.71
C LEU B 344 -23.07 -4.26 9.39
N GLY B 345 -23.40 -5.53 9.17
CA GLY B 345 -24.47 -6.16 9.93
C GLY B 345 -23.95 -6.63 11.27
N ALA B 346 -24.73 -7.49 11.92
CA ALA B 346 -24.30 -8.17 13.13
C ALA B 346 -25.31 -9.27 13.47
N GLY B 347 -25.74 -9.35 14.73
CA GLY B 347 -26.76 -10.31 15.12
C GLY B 347 -28.14 -9.92 14.60
N GLY B 348 -29.11 -10.80 14.86
CA GLY B 348 -30.49 -10.60 14.43
C GLY B 348 -31.13 -11.92 14.09
N TYR B 349 -32.14 -12.35 14.86
CA TYR B 349 -32.61 -13.72 14.78
C TYR B 349 -34.06 -13.81 14.31
N VAL B 350 -34.55 -12.76 13.68
CA VAL B 350 -35.79 -12.80 12.91
C VAL B 350 -35.43 -12.32 11.51
N ASP B 351 -35.51 -13.23 10.54
CA ASP B 351 -35.10 -12.92 9.17
C ASP B 351 -35.82 -11.68 8.64
N THR B 352 -37.14 -11.59 8.84
CA THR B 352 -37.89 -10.48 8.27
C THR B 352 -37.53 -9.16 8.94
N SER B 353 -37.36 -9.16 10.27
CA SER B 353 -36.95 -7.93 10.96
C SER B 353 -35.60 -7.45 10.43
N CYS B 354 -34.67 -8.38 10.23
CA CYS B 354 -33.36 -8.03 9.72
C CYS B 354 -33.46 -7.40 8.33
N ALA B 355 -34.25 -8.00 7.44
CA ALA B 355 -34.41 -7.46 6.10
C ALA B 355 -35.12 -6.10 6.12
N ARG B 356 -36.14 -5.95 6.98
CA ARG B 356 -36.81 -4.65 7.10
C ARG B 356 -35.82 -3.56 7.46
N LEU B 357 -35.03 -3.79 8.52
CA LEU B 357 -34.04 -2.79 8.95
C LEU B 357 -32.99 -2.54 7.87
N ALA B 358 -32.47 -3.61 7.27
CA ALA B 358 -31.43 -3.44 6.25
C ALA B 358 -31.97 -2.66 5.05
N GLY B 359 -33.24 -2.87 4.71
CA GLY B 359 -33.81 -2.14 3.59
C GLY B 359 -33.96 -0.65 3.84
N VAL B 360 -34.45 -0.27 5.02
CA VAL B 360 -34.65 1.17 5.25
C VAL B 360 -33.32 1.87 5.52
N VAL B 361 -32.39 1.22 6.23
CA VAL B 361 -31.08 1.81 6.45
C VAL B 361 -30.33 1.96 5.14
N THR B 362 -30.33 0.91 4.31
CA THR B 362 -29.68 1.04 3.00
C THR B 362 -30.33 2.13 2.17
N LYS B 363 -31.66 2.21 2.18
CA LYS B 363 -32.32 3.23 1.38
C LYS B 363 -31.97 4.62 1.88
N ASP B 364 -31.79 4.78 3.19
CA ASP B 364 -31.34 6.04 3.75
C ASP B 364 -29.92 6.39 3.29
N VAL B 365 -29.04 5.38 3.20
CA VAL B 365 -27.67 5.65 2.77
C VAL B 365 -27.66 6.10 1.31
N LEU B 366 -28.45 5.41 0.47
CA LEU B 366 -28.52 5.78 -0.94
C LEU B 366 -29.11 7.17 -1.10
N SER B 367 -30.24 7.44 -0.45
CA SER B 367 -30.84 8.77 -0.55
C SER B 367 -29.86 9.84 -0.13
N CYS B 368 -29.07 9.56 0.89
CA CYS B 368 -28.10 10.51 1.39
C CYS B 368 -27.03 10.81 0.35
N ALA B 369 -26.42 9.75 -0.19
CA ALA B 369 -25.37 9.94 -1.19
C ALA B 369 -25.91 10.59 -2.45
N ALA B 370 -27.13 10.23 -2.85
CA ALA B 370 -27.73 10.84 -4.03
C ALA B 370 -27.91 12.33 -3.83
N ALA B 371 -28.30 12.73 -2.62
CA ALA B 371 -28.52 14.14 -2.31
C ALA B 371 -27.21 14.91 -2.23
N MET B 372 -26.11 14.24 -1.87
CA MET B 372 -24.81 14.92 -1.82
C MET B 372 -24.30 15.26 -3.20
N ARG B 373 -24.45 14.33 -4.15
CA ARG B 373 -24.00 14.57 -5.51
C ARG B 373 -24.95 15.45 -6.32
N LEU B 374 -26.06 15.88 -5.72
CA LEU B 374 -26.86 16.98 -6.25
C LEU B 374 -26.69 18.24 -5.42
N GLY B 375 -25.74 18.24 -4.48
CA GLY B 375 -25.43 19.40 -3.68
C GLY B 375 -26.43 19.75 -2.60
N LYS B 376 -27.41 18.90 -2.33
CA LYS B 376 -28.46 19.26 -1.37
C LYS B 376 -27.96 19.21 0.06
N THR B 377 -28.75 19.79 0.96
CA THR B 377 -28.53 19.71 2.40
C THR B 377 -29.63 18.95 3.13
N GLU B 378 -30.70 18.55 2.42
CA GLU B 378 -31.72 17.66 2.95
C GLU B 378 -31.46 16.28 2.38
N TYR B 379 -31.06 15.34 3.24
CA TYR B 379 -30.42 14.12 2.77
C TYR B 379 -31.35 12.94 2.62
N PHE B 380 -32.52 12.95 3.25
CA PHE B 380 -33.37 11.77 3.32
C PHE B 380 -34.69 11.98 2.60
N GLY B 381 -34.66 12.68 1.46
CA GLY B 381 -35.87 12.97 0.73
C GLY B 381 -36.42 11.83 -0.10
N ASP B 382 -35.60 10.82 -0.39
CA ASP B 382 -36.02 9.64 -1.15
C ASP B 382 -36.28 8.43 -0.26
N SER B 383 -36.32 8.60 1.06
CA SER B 383 -36.40 7.44 1.92
C SER B 383 -37.38 7.71 3.06
N ALA B 384 -38.44 6.91 3.14
CA ALA B 384 -39.47 7.11 4.15
C ALA B 384 -38.89 6.98 5.55
N ASN B 385 -39.23 7.91 6.41
CA ASN B 385 -38.86 7.82 7.82
C ASN B 385 -39.94 7.00 8.52
N LEU B 386 -39.61 5.74 8.80
CA LEU B 386 -40.60 4.84 9.40
C LEU B 386 -41.02 5.26 10.79
N GLY B 387 -40.39 6.27 11.38
CA GLY B 387 -40.85 6.77 12.67
C GLY B 387 -42.21 7.45 12.60
N ASP B 388 -42.54 8.07 11.46
CA ASP B 388 -43.82 8.72 11.28
C ASP B 388 -44.67 8.16 10.15
N ASN B 389 -44.09 7.41 9.22
CA ASN B 389 -44.84 6.82 8.11
C ASN B 389 -45.01 5.34 8.43
N LEU B 390 -46.14 5.01 9.05
CA LEU B 390 -46.41 3.62 9.41
C LEU B 390 -47.21 2.89 8.32
N GLY B 391 -47.23 3.44 7.10
CA GLY B 391 -47.93 2.79 6.01
C GLY B 391 -47.06 2.42 4.82
N VAL B 392 -45.74 2.28 5.03
CA VAL B 392 -44.85 1.85 3.95
C VAL B 392 -45.03 0.35 3.72
N ALA B 393 -45.34 -0.03 2.48
CA ALA B 393 -45.61 -1.42 2.16
C ALA B 393 -44.31 -2.17 1.85
N VAL B 394 -44.24 -3.41 2.31
CA VAL B 394 -43.20 -4.31 1.80
C VAL B 394 -43.39 -4.47 0.30
N PRO B 395 -42.36 -4.28 -0.53
CA PRO B 395 -42.54 -4.43 -1.99
C PRO B 395 -43.10 -5.79 -2.35
N GLU B 396 -44.22 -5.85 -3.08
CA GLU B 396 -44.82 -7.15 -3.39
C GLU B 396 -43.99 -7.96 -4.38
N GLY B 397 -42.97 -7.36 -4.99
CA GLY B 397 -42.01 -8.08 -5.80
C GLY B 397 -40.94 -8.83 -5.03
N CYS B 398 -40.90 -8.67 -3.70
CA CYS B 398 -39.98 -9.44 -2.88
C CYS B 398 -40.23 -10.94 -3.07
N GLU B 399 -39.14 -11.68 -3.33
CA GLU B 399 -39.22 -13.14 -3.34
C GLU B 399 -39.84 -13.68 -2.05
N TYR B 400 -39.54 -13.07 -0.91
CA TYR B 400 -40.00 -13.59 0.37
C TYR B 400 -41.25 -12.87 0.87
N PHE B 401 -41.97 -12.18 -0.01
CA PHE B 401 -43.07 -11.29 0.39
C PHE B 401 -44.07 -11.96 1.31
N THR B 402 -44.40 -13.24 1.05
CA THR B 402 -45.42 -13.87 1.88
C THR B 402 -44.95 -14.11 3.32
N ARG B 403 -43.65 -13.92 3.61
CA ARG B 403 -43.16 -14.00 4.98
C ARG B 403 -43.46 -12.76 5.82
N TYR B 404 -43.86 -11.65 5.21
CA TYR B 404 -43.92 -10.38 5.91
C TYR B 404 -45.27 -10.11 6.56
N GLY B 405 -46.07 -11.15 6.78
CA GLY B 405 -47.31 -10.99 7.50
C GLY B 405 -47.04 -10.90 9.00
N PRO B 406 -48.05 -10.45 9.75
CA PRO B 406 -49.37 -10.12 9.24
C PRO B 406 -49.56 -8.69 8.68
N SER B 407 -48.59 -7.79 8.89
CA SER B 407 -48.80 -6.42 8.45
C SER B 407 -48.43 -6.19 7.00
N PHE B 408 -47.40 -6.87 6.50
CA PHE B 408 -46.81 -6.59 5.18
C PHE B 408 -46.39 -5.13 5.04
N LEU B 409 -46.04 -4.50 6.16
CA LEU B 409 -45.55 -3.14 6.18
C LEU B 409 -44.11 -3.14 6.67
N MET B 410 -43.32 -2.16 6.23
CA MET B 410 -41.89 -2.17 6.49
C MET B 410 -41.53 -2.06 7.97
N HIS B 411 -42.42 -1.54 8.80
CA HIS B 411 -42.11 -1.37 10.20
C HIS B 411 -42.62 -2.51 11.06
N GLY B 412 -43.19 -3.55 10.46
CA GLY B 412 -43.87 -4.57 11.23
C GLY B 412 -42.88 -5.42 12.01
N LEU B 413 -43.18 -5.67 13.28
CA LEU B 413 -42.30 -6.45 14.13
C LEU B 413 -43.10 -7.55 14.81
N PRO B 414 -42.46 -8.63 15.23
CA PRO B 414 -43.16 -9.64 16.00
C PRO B 414 -43.54 -9.11 17.36
N PRO B 415 -44.44 -9.78 18.06
CA PRO B 415 -44.80 -9.34 19.43
C PRO B 415 -43.59 -9.32 20.37
N ALA B 416 -43.57 -8.30 21.22
CA ALA B 416 -42.53 -8.17 22.23
C ALA B 416 -42.32 -9.49 22.97
N ARG B 417 -41.05 -9.83 23.21
CA ARG B 417 -40.69 -10.98 24.01
C ARG B 417 -40.44 -10.61 25.46
N VAL B 418 -39.91 -9.42 25.71
CA VAL B 418 -39.75 -8.91 27.06
C VAL B 418 -40.64 -7.68 27.19
N SER B 419 -41.09 -7.39 28.40
CA SER B 419 -42.00 -6.27 28.59
C SER B 419 -41.34 -4.98 28.19
N LYS B 420 -42.08 -4.09 27.53
CA LYS B 420 -41.54 -2.80 27.16
C LYS B 420 -41.21 -1.96 28.41
N LEU B 421 -40.06 -1.30 28.37
CA LEU B 421 -39.64 -0.38 29.40
C LEU B 421 -39.50 1.01 28.79
N TYR B 422 -40.13 2.00 29.41
CA TYR B 422 -40.03 3.37 28.93
C TYR B 422 -39.29 4.29 29.90
N ARG B 423 -39.07 3.86 31.14
CA ARG B 423 -38.35 4.62 32.15
C ARG B 423 -37.23 3.77 32.72
N LEU B 424 -36.13 4.42 33.09
CA LEU B 424 -35.03 3.71 33.70
C LEU B 424 -35.46 3.19 35.08
N PRO B 425 -34.92 2.06 35.53
CA PRO B 425 -35.25 1.56 36.86
C PRO B 425 -34.75 2.48 37.95
N TYR B 426 -35.42 2.41 39.09
CA TYR B 426 -34.96 3.14 40.28
C TYR B 426 -33.58 2.62 40.67
N GLY B 427 -32.63 3.55 40.78
CA GLY B 427 -31.27 3.24 41.15
C GLY B 427 -30.28 3.22 40.00
N SER B 428 -30.76 2.90 38.80
CA SER B 428 -30.01 2.85 37.55
C SER B 428 -28.75 3.72 37.53
N PRO B 429 -27.57 3.10 37.41
CA PRO B 429 -26.34 3.92 37.30
C PRO B 429 -26.30 4.78 36.06
N LEU B 430 -27.04 4.41 35.03
CA LEU B 430 -27.13 5.23 33.83
C LEU B 430 -27.81 6.56 34.14
N PHE B 431 -28.90 6.51 34.91
CA PHE B 431 -29.55 7.75 35.33
C PHE B 431 -28.61 8.58 36.19
N MET B 432 -27.97 7.95 37.16
CA MET B 432 -27.11 8.69 38.07
C MET B 432 -25.97 9.38 37.32
N ARG B 433 -25.39 8.72 36.32
CA ARG B 433 -24.32 9.36 35.55
C ARG B 433 -24.82 10.62 34.85
N MET B 434 -26.06 10.60 34.37
CA MET B 434 -26.62 11.74 33.66
C MET B 434 -27.65 12.49 34.51
N GLN B 435 -27.45 12.46 35.81
CA GLN B 435 -27.95 13.51 36.69
C GLN B 435 -26.80 14.17 37.43
N ARG B 436 -25.76 13.40 37.76
CA ARG B 436 -24.50 13.94 38.25
C ARG B 436 -24.02 15.11 37.40
N ALA B 437 -23.79 14.86 36.10
CA ALA B 437 -23.26 15.87 35.21
C ALA B 437 -24.32 16.50 34.32
N ALA B 438 -25.61 16.27 34.59
CA ALA B 438 -26.65 16.78 33.71
C ALA B 438 -27.22 18.11 34.19
N THR B 439 -27.51 18.23 35.49
CA THR B 439 -27.84 19.53 36.04
C THR B 439 -26.59 20.32 36.39
N LYS B 440 -25.45 19.64 36.55
CA LYS B 440 -24.17 20.34 36.49
C LYS B 440 -24.07 21.17 35.22
N GLU B 441 -24.66 20.69 34.12
CA GLU B 441 -24.79 21.49 32.90
C GLU B 441 -25.85 22.56 33.05
N ALA B 442 -27.05 22.17 33.50
CA ALA B 442 -28.20 23.06 33.58
C ALA B 442 -28.05 24.16 34.62
N LEU B 443 -26.96 24.15 35.41
CA LEU B 443 -26.69 25.23 36.36
C LEU B 443 -25.98 26.40 35.69
N ARG B 444 -25.08 26.11 34.74
CA ARG B 444 -24.39 27.15 33.98
C ARG B 444 -25.34 27.98 33.12
N ARG B 445 -26.54 27.48 32.88
CA ARG B 445 -27.57 28.20 32.14
C ARG B 445 -27.98 29.48 32.88
ZN ZN C . 27.62 8.32 -18.76
K K D . 23.60 2.98 -20.63
K K E . 24.56 -11.66 -19.91
C02 T56 F . 30.58 8.80 -18.36
C03 T56 F . 31.89 9.15 -19.07
C04 T56 F . 31.96 10.16 -19.92
C05 T56 F . 33.25 10.49 -20.67
C06 T56 F . 34.48 10.23 -20.08
C07 T56 F . 35.65 10.53 -20.78
C08 T56 F . 35.60 11.08 -22.04
C09 T56 F . 34.36 11.37 -22.65
C10 T56 F . 33.97 11.93 -23.94
C11 T56 F . 34.71 12.41 -25.04
C12 T56 F . 34.04 12.91 -26.16
C13 T56 F . 32.65 12.93 -26.19
C14 T56 F . 31.92 12.46 -25.12
C15 T56 F . 32.60 11.96 -23.97
C17 T56 F . 33.20 11.07 -21.97
N18 T56 F . 30.11 7.42 -18.39
O01 T56 F . 29.93 9.63 -17.83
O16 T56 F . 32.13 11.44 -22.78
O19 T56 F . 28.91 6.96 -17.78
ZN ZN G . -26.11 -9.40 19.00
K K H . -23.90 -3.10 20.75
K K I . -10.79 3.39 22.16
C02 T56 J . -25.19 -12.10 19.12
C03 T56 J . -25.02 -13.44 19.86
C04 T56 J . -25.69 -13.57 20.97
C05 T56 J . -25.58 -14.79 21.88
C06 T56 J . -24.49 -15.63 21.67
C07 T56 J . -24.30 -16.74 22.48
C08 T56 J . -25.18 -17.03 23.52
C09 T56 J . -26.28 -16.17 23.76
C10 T56 J . -27.35 -16.19 24.75
C11 T56 J . -27.66 -17.09 25.81
C12 T56 J . -28.78 -16.86 26.61
C13 T56 J . -29.59 -15.74 26.37
C14 T56 J . -29.29 -14.87 25.32
C15 T56 J . -28.15 -15.09 24.51
C17 T56 J . -26.49 -15.05 22.96
N18 T56 J . -24.14 -11.10 19.33
O01 T56 J . -26.14 -11.89 18.46
O16 T56 J . -27.64 -14.39 23.43
O19 T56 J . -24.05 -9.78 18.79
#